data_5NPS
#
_entry.id   5NPS
#
_cell.length_a   137.869
_cell.length_b   151.333
_cell.length_c   200.478
_cell.angle_alpha   90.00
_cell.angle_beta   90.00
_cell.angle_gamma   90.00
#
_symmetry.space_group_name_H-M   'F 2 2 2'
#
loop_
_entity.id
_entity.type
_entity.pdbx_description
1 polymer 'UDP-N-acetylglucosamine--peptide N-acetylglucosaminyltransferase 110 kDa subunit'
2 polymer 5,6-DIHYDRO-BENZO[H]CINNOLIN-3-YLAMINE
3 non-polymer '[[(2~{R},3~{S},4~{R},5~{R})-5-[2,4-bis(oxidanylidene)pyrimidin-1-yl]-3,4-bis(oxidanyl)oxolan-2-yl]methoxy-oxidanyl-phosphoryl] propyl hydrogen phosphate'
4 water water
#
loop_
_entity_poly.entity_id
_entity_poly.type
_entity_poly.pdbx_seq_one_letter_code
_entity_poly.pdbx_strand_id
1 'polypeptide(L)'
;PTHADSLNNLANIKREQGNIEEAVRLYRKALEVFPEFAAAHSNLASVLQQQGKLQEALMHYKEAIRISPTFADAYSNMGN
TLKEMQDVQGALQCYTRAIQINPAFADAHSNLASIHKDSGNIPEAIASYRTALKLKPDFPDAYCNLAHCLQIVCDWTDYD
ERMKKLVSIVADQLEKNRLPSVHPHHSMLYPLSHGFRKAIAERHGNLCLDKINVLHKPPYEHPKDLKLSDGRLRVGYVSS
DFGNHPTSHLMQSIPGMHNPDKFEVFCYALSPDDGTNFRVKVMAEANHFIDLSQIPCNGKAADRIHQDGIHILVNMNGYT
KGARNELFALRPAPIQAMWLGYPGTSGALFMDYIITDQETSPAEVAEQYSEKLAYMPHTFFIGDHANMFPHLKKKAVIDF
KSNGHIYDNRIVLNGIDLKAFLDSLPDVKIVKMKCPDGGDNADSSNTALNMPVIPMNTIAEAVIEMINRGQIQITINGFS
ISNGLATTQINNKAATGEEVPRTIIVTTRSQYGLPEDAIVYCNFNQLYKIDPSTLQMWANILKRVPNSVLWLLRFPAVGE
PNIQQYAQNMGLPQNRIIFSPVAPKEEHVRRGQLADVCLDTPLCNGHTTGMDVLWAGTPMVTMPGETLASRVAASQLTCL
GCLELIAKNRQEYEDIAVKLGTDLEYLKKVRGKVWKQRISSPLFNTKQYTMELERLYLQMWEHYAAGNKPDHMIKPVE
;
A
2 'polypeptide(L)' (ACE)VTPVSTA(NH2) D
#
loop_
_chem_comp.id
_chem_comp.type
_chem_comp.name
_chem_comp.formula
94T non-polymer '[[(2~{R},3~{S},4~{R},5~{R})-5-[2,4-bis(oxidanylidene)pyrimidin-1-yl]-3,4-bis(oxidanyl)oxolan-2-yl]methoxy-oxidanyl-phosphoryl] propyl hydrogen phosphate' 'C12 H20 N2 O12 P2'
ACE non-polymer 'ACETYL GROUP' 'C2 H4 O'
NH2 non-polymer 'AMINO GROUP' 'H2 N'
#
# COMPACT_ATOMS: atom_id res chain seq x y z
N PRO A 1 1.22 -41.81 -28.16
CA PRO A 1 2.37 -41.31 -27.40
C PRO A 1 3.17 -40.20 -28.12
N THR A 2 3.61 -40.46 -29.35
CA THR A 2 4.22 -39.40 -30.19
C THR A 2 3.16 -38.41 -30.70
N HIS A 3 1.98 -38.92 -31.02
CA HIS A 3 0.79 -38.11 -31.26
C HIS A 3 0.48 -37.22 -30.03
N ALA A 4 0.51 -37.82 -28.84
CA ALA A 4 0.32 -37.09 -27.58
C ALA A 4 1.36 -35.99 -27.37
N ASP A 5 2.62 -36.28 -27.71
CA ASP A 5 3.70 -35.28 -27.61
C ASP A 5 3.43 -34.03 -28.45
N SER A 6 2.93 -34.22 -29.68
CA SER A 6 2.61 -33.11 -30.58
C SER A 6 1.49 -32.23 -30.04
N LEU A 7 0.46 -32.87 -29.49
CA LEU A 7 -0.65 -32.18 -28.83
C LEU A 7 -0.17 -31.36 -27.63
N ASN A 8 0.60 -32.00 -26.76
CA ASN A 8 1.22 -31.36 -25.60
C ASN A 8 2.10 -30.17 -25.97
N ASN A 9 2.99 -30.35 -26.95
CA ASN A 9 3.88 -29.27 -27.41
C ASN A 9 3.08 -28.08 -27.95
N LEU A 10 2.03 -28.37 -28.71
CA LEU A 10 1.13 -27.33 -29.22
C LEU A 10 0.42 -26.62 -28.06
N ALA A 11 -0.13 -27.40 -27.14
CA ALA A 11 -0.78 -26.85 -25.94
C ALA A 11 0.13 -25.86 -25.19
N ASN A 12 1.37 -26.28 -24.96
CA ASN A 12 2.39 -25.43 -24.32
C ASN A 12 2.56 -24.08 -25.01
N ILE A 13 2.58 -24.07 -26.35
CA ILE A 13 2.75 -22.84 -27.13
C ILE A 13 1.48 -21.99 -27.06
N LYS A 14 0.32 -22.64 -27.19
CA LYS A 14 -0.98 -21.96 -27.03
C LYS A 14 -1.07 -21.26 -25.68
N ARG A 15 -0.54 -21.90 -24.64
CA ARG A 15 -0.54 -21.31 -23.30
C ARG A 15 0.34 -20.07 -23.22
N GLU A 16 1.58 -20.17 -23.72
CA GLU A 16 2.49 -19.02 -23.79
C GLU A 16 1.86 -17.82 -24.53
N GLN A 17 1.07 -18.09 -25.56
CA GLN A 17 0.36 -17.04 -26.30
C GLN A 17 -0.80 -16.39 -25.52
N GLY A 18 -1.28 -17.07 -24.49
CA GLY A 18 -2.46 -16.63 -23.74
C GLY A 18 -3.76 -17.22 -24.28
N ASN A 19 -3.67 -18.30 -25.06
CA ASN A 19 -4.85 -18.98 -25.61
C ASN A 19 -5.16 -20.15 -24.68
N ILE A 20 -5.71 -19.80 -23.52
CA ILE A 20 -5.89 -20.72 -22.39
C ILE A 20 -6.88 -21.83 -22.71
N GLU A 21 -8.03 -21.48 -23.29
CA GLU A 21 -9.05 -22.46 -23.66
C GLU A 21 -8.50 -23.54 -24.60
N GLU A 22 -7.76 -23.10 -25.61
CA GLU A 22 -7.18 -24.02 -26.59
C GLU A 22 -6.08 -24.89 -25.98
N ALA A 23 -5.26 -24.33 -25.10
CA ALA A 23 -4.25 -25.11 -24.36
C ALA A 23 -4.90 -26.24 -23.55
N VAL A 24 -5.96 -25.93 -22.80
CA VAL A 24 -6.67 -26.94 -21.98
C VAL A 24 -7.22 -28.07 -22.86
N ARG A 25 -7.91 -27.69 -23.94
CA ARG A 25 -8.48 -28.66 -24.89
C ARG A 25 -7.41 -29.64 -25.42
N LEU A 26 -6.27 -29.09 -25.82
CA LEU A 26 -5.15 -29.89 -26.34
C LEU A 26 -4.50 -30.81 -25.29
N TYR A 27 -4.33 -30.33 -24.06
CA TYR A 27 -3.78 -31.19 -23.00
C TYR A 27 -4.72 -32.38 -22.74
N ARG A 28 -6.01 -32.08 -22.70
CA ARG A 28 -7.04 -33.12 -22.53
C ARG A 28 -7.03 -34.13 -23.67
N LYS A 29 -6.79 -33.64 -24.89
CA LYS A 29 -6.64 -34.51 -26.06
C LYS A 29 -5.40 -35.39 -25.94
N ALA A 30 -4.28 -34.80 -25.52
CA ALA A 30 -3.04 -35.56 -25.26
C ALA A 30 -3.26 -36.69 -24.26
N LEU A 31 -4.03 -36.43 -23.21
CA LEU A 31 -4.33 -37.44 -22.20
C LEU A 31 -5.30 -38.51 -22.70
N GLU A 32 -6.24 -38.13 -23.56
CA GLU A 32 -7.11 -39.11 -24.23
C GLU A 32 -6.30 -40.11 -25.06
N VAL A 33 -5.31 -39.62 -25.79
CA VAL A 33 -4.46 -40.46 -26.64
C VAL A 33 -3.46 -41.28 -25.82
N PHE A 34 -2.90 -40.66 -24.77
CA PHE A 34 -1.90 -41.29 -23.91
C PHE A 34 -2.22 -40.96 -22.43
N PRO A 35 -3.08 -41.78 -21.79
CA PRO A 35 -3.49 -41.54 -20.39
C PRO A 35 -2.38 -41.45 -19.34
N GLU A 36 -1.31 -42.23 -19.49
CA GLU A 36 -0.19 -42.23 -18.54
C GLU A 36 0.91 -41.19 -18.90
N PHE A 37 0.50 -40.01 -19.37
CA PHE A 37 1.44 -38.98 -19.83
C PHE A 37 1.62 -37.99 -18.68
N ALA A 38 2.64 -38.22 -17.86
CA ALA A 38 2.86 -37.42 -16.65
C ALA A 38 2.98 -35.92 -16.93
N ALA A 39 3.73 -35.55 -17.97
CA ALA A 39 3.94 -34.13 -18.31
C ALA A 39 2.65 -33.43 -18.73
N ALA A 40 1.80 -34.14 -19.46
CA ALA A 40 0.48 -33.62 -19.86
C ALA A 40 -0.42 -33.35 -18.64
N HIS A 41 -0.44 -34.28 -17.69
CA HIS A 41 -1.17 -34.08 -16.42
C HIS A 41 -0.67 -32.84 -15.69
N SER A 42 0.65 -32.73 -15.55
CA SER A 42 1.25 -31.59 -14.85
C SER A 42 1.01 -30.26 -15.57
N ASN A 43 1.11 -30.27 -16.91
CA ASN A 43 0.84 -29.06 -17.69
C ASN A 43 -0.63 -28.65 -17.62
N LEU A 44 -1.53 -29.62 -17.73
CA LEU A 44 -2.96 -29.36 -17.58
C LEU A 44 -3.26 -28.78 -16.20
N ALA A 45 -2.67 -29.39 -15.16
CA ALA A 45 -2.80 -28.90 -13.79
C ALA A 45 -2.40 -27.43 -13.67
N SER A 46 -1.28 -27.06 -14.28
N SER A 46 -1.27 -27.07 -14.28
CA SER A 46 -0.78 -25.69 -14.23
CA SER A 46 -0.77 -25.70 -14.23
C SER A 46 -1.72 -24.66 -14.86
C SER A 46 -1.71 -24.68 -14.87
N VAL A 47 -2.32 -25.02 -16.01
CA VAL A 47 -3.30 -24.13 -16.64
C VAL A 47 -4.64 -24.09 -15.85
N LEU A 48 -5.03 -25.22 -15.28
CA LEU A 48 -6.20 -25.25 -14.37
C LEU A 48 -5.97 -24.36 -13.14
N GLN A 49 -4.76 -24.39 -12.58
CA GLN A 49 -4.37 -23.51 -11.46
C GLN A 49 -4.49 -22.04 -11.87
N GLN A 50 -4.00 -21.71 -13.07
CA GLN A 50 -4.10 -20.36 -13.64
C GLN A 50 -5.56 -19.88 -13.75
N GLN A 51 -6.46 -20.80 -14.10
CA GLN A 51 -7.91 -20.50 -14.15
C GLN A 51 -8.63 -20.50 -12.79
N GLY A 52 -7.93 -20.82 -11.71
CA GLY A 52 -8.53 -20.89 -10.37
C GLY A 52 -9.23 -22.20 -10.04
N LYS A 53 -8.98 -23.24 -10.84
CA LYS A 53 -9.58 -24.57 -10.62
C LYS A 53 -8.60 -25.40 -9.81
N LEU A 54 -8.49 -25.05 -8.53
CA LEU A 54 -7.39 -25.50 -7.68
C LEU A 54 -7.49 -26.99 -7.32
N GLN A 55 -8.69 -27.46 -6.99
CA GLN A 55 -8.86 -28.90 -6.68
C GLN A 55 -8.63 -29.79 -7.90
N GLU A 56 -9.15 -29.38 -9.06
CA GLU A 56 -8.91 -30.12 -10.31
C GLU A 56 -7.41 -30.16 -10.66
N ALA A 57 -6.73 -29.03 -10.47
CA ALA A 57 -5.28 -28.96 -10.65
C ALA A 57 -4.55 -29.96 -9.76
N LEU A 58 -4.88 -29.92 -8.47
CA LEU A 58 -4.31 -30.84 -7.50
C LEU A 58 -4.41 -32.30 -7.92
N MET A 59 -5.61 -32.69 -8.35
CA MET A 59 -5.88 -34.05 -8.83
C MET A 59 -4.90 -34.45 -9.95
N HIS A 60 -4.67 -33.53 -10.89
CA HIS A 60 -3.75 -33.80 -12.01
C HIS A 60 -2.27 -33.77 -11.62
N TYR A 61 -1.86 -32.87 -10.73
CA TYR A 61 -0.50 -32.94 -10.17
C TYR A 61 -0.23 -34.29 -9.49
N LYS A 62 -1.20 -34.79 -8.73
CA LYS A 62 -1.03 -36.07 -8.04
C LYS A 62 -0.95 -37.23 -9.02
N GLU A 63 -1.75 -37.17 -10.08
CA GLU A 63 -1.68 -38.17 -11.16
C GLU A 63 -0.30 -38.17 -11.84
N ALA A 64 0.25 -36.99 -12.08
CA ALA A 64 1.59 -36.85 -12.66
C ALA A 64 2.64 -37.50 -11.77
N ILE A 65 2.52 -37.29 -10.47
CA ILE A 65 3.45 -37.84 -9.49
C ILE A 65 3.27 -39.35 -9.31
N ARG A 66 2.04 -39.84 -9.32
CA ARG A 66 1.81 -41.30 -9.31
C ARG A 66 2.48 -41.99 -10.50
N ILE A 67 2.33 -41.41 -11.68
CA ILE A 67 2.99 -41.93 -12.89
C ILE A 67 4.52 -41.84 -12.79
N SER A 68 5.03 -40.69 -12.33
CA SER A 68 6.47 -40.46 -12.23
C SER A 68 6.81 -39.89 -10.84
N PRO A 69 7.11 -40.76 -9.86
CA PRO A 69 7.36 -40.34 -8.47
C PRO A 69 8.51 -39.34 -8.26
N THR A 70 9.47 -39.26 -9.18
CA THR A 70 10.56 -38.30 -9.09
C THR A 70 10.35 -37.06 -10.00
N PHE A 71 9.09 -36.73 -10.29
CA PHE A 71 8.76 -35.57 -11.12
C PHE A 71 8.79 -34.30 -10.24
N ALA A 72 10.01 -33.80 -10.00
CA ALA A 72 10.22 -32.63 -9.14
C ALA A 72 9.40 -31.41 -9.54
N ASP A 73 9.21 -31.17 -10.84
CA ASP A 73 8.47 -30.01 -11.33
C ASP A 73 6.98 -30.06 -10.97
N ALA A 74 6.41 -31.27 -10.94
CA ALA A 74 5.03 -31.48 -10.49
C ALA A 74 4.86 -31.12 -9.02
N TYR A 75 5.80 -31.54 -8.19
CA TYR A 75 5.78 -31.18 -6.76
C TYR A 75 5.93 -29.68 -6.58
N SER A 76 6.85 -29.09 -7.32
CA SER A 76 7.11 -27.66 -7.25
C SER A 76 5.85 -26.85 -7.58
N ASN A 77 5.21 -27.19 -8.69
CA ASN A 77 4.01 -26.50 -9.10
C ASN A 77 2.80 -26.83 -8.22
N MET A 78 2.69 -28.06 -7.74
CA MET A 78 1.68 -28.41 -6.74
C MET A 78 1.83 -27.53 -5.48
N GLY A 79 3.06 -27.29 -5.04
CA GLY A 79 3.35 -26.38 -3.96
C GLY A 79 2.75 -24.98 -4.15
N ASN A 80 2.87 -24.45 -5.36
CA ASN A 80 2.27 -23.14 -5.69
C ASN A 80 0.75 -23.15 -5.57
N THR A 81 0.12 -24.26 -5.98
CA THR A 81 -1.32 -24.42 -5.84
C THR A 81 -1.73 -24.45 -4.37
N LEU A 82 -1.01 -25.22 -3.56
CA LEU A 82 -1.30 -25.27 -2.12
C LEU A 82 -1.08 -23.90 -1.46
N LYS A 83 -0.06 -23.17 -1.89
CA LYS A 83 0.18 -21.82 -1.40
C LYS A 83 -1.02 -20.91 -1.72
N GLU A 84 -1.53 -20.99 -2.94
CA GLU A 84 -2.73 -20.22 -3.35
C GLU A 84 -4.00 -20.58 -2.55
N MET A 85 -4.09 -21.83 -2.08
CA MET A 85 -5.16 -22.28 -1.18
C MET A 85 -4.93 -21.93 0.31
N GLN A 86 -3.89 -21.14 0.62
CA GLN A 86 -3.52 -20.78 1.99
C GLN A 86 -3.01 -21.96 2.82
N ASP A 87 -2.52 -23.00 2.16
CA ASP A 87 -1.99 -24.18 2.84
C ASP A 87 -0.46 -24.10 2.79
N VAL A 88 0.11 -23.30 3.69
CA VAL A 88 1.56 -23.05 3.73
C VAL A 88 2.33 -24.32 4.10
N GLN A 89 1.80 -25.10 5.04
CA GLN A 89 2.41 -26.38 5.42
C GLN A 89 2.52 -27.33 4.22
N GLY A 90 1.41 -27.52 3.52
CA GLY A 90 1.37 -28.32 2.29
C GLY A 90 2.31 -27.79 1.22
N ALA A 91 2.32 -26.47 1.04
CA ALA A 91 3.24 -25.85 0.09
C ALA A 91 4.71 -26.15 0.43
N LEU A 92 5.11 -25.94 1.69
CA LEU A 92 6.50 -26.25 2.10
C LEU A 92 6.86 -27.72 1.98
N GLN A 93 5.91 -28.60 2.31
CA GLN A 93 6.13 -30.04 2.12
C GLN A 93 6.40 -30.39 0.65
N CYS A 94 5.69 -29.74 -0.27
CA CYS A 94 5.90 -29.95 -1.70
C CYS A 94 7.19 -29.33 -2.24
N TYR A 95 7.49 -28.10 -1.86
CA TYR A 95 8.74 -27.48 -2.31
C TYR A 95 9.95 -28.25 -1.81
N THR A 96 9.94 -28.64 -0.53
CA THR A 96 11.07 -29.34 0.05
C THR A 96 11.23 -30.74 -0.54
N ARG A 97 10.11 -31.40 -0.85
CA ARG A 97 10.17 -32.66 -1.58
C ARG A 97 10.80 -32.50 -2.98
N ALA A 98 10.42 -31.46 -3.71
CA ALA A 98 11.00 -31.19 -5.03
C ALA A 98 12.53 -31.02 -4.98
N ILE A 99 12.99 -30.22 -4.01
CA ILE A 99 14.42 -29.96 -3.78
C ILE A 99 15.18 -31.21 -3.30
N GLN A 100 14.51 -32.06 -2.53
CA GLN A 100 15.08 -33.36 -2.15
C GLN A 100 15.26 -34.26 -3.37
N ILE A 101 14.28 -34.30 -4.25
CA ILE A 101 14.38 -35.08 -5.47
C ILE A 101 15.52 -34.58 -6.36
N ASN A 102 15.55 -33.27 -6.60
CA ASN A 102 16.55 -32.65 -7.46
C ASN A 102 17.05 -31.35 -6.83
N PRO A 103 18.14 -31.43 -6.03
CA PRO A 103 18.71 -30.20 -5.41
C PRO A 103 19.23 -29.15 -6.39
N ALA A 104 19.41 -29.52 -7.66
CA ALA A 104 19.84 -28.59 -8.71
C ALA A 104 18.67 -27.96 -9.48
N PHE A 105 17.45 -28.09 -8.95
CA PHE A 105 16.25 -27.64 -9.65
C PHE A 105 15.95 -26.19 -9.25
N ALA A 106 16.45 -25.26 -10.06
CA ALA A 106 16.37 -23.80 -9.80
C ALA A 106 14.95 -23.28 -9.52
N ASP A 107 13.96 -23.70 -10.31
CA ASP A 107 12.57 -23.23 -10.15
C ASP A 107 12.02 -23.52 -8.76
N ALA A 108 12.36 -24.69 -8.22
CA ALA A 108 11.88 -25.09 -6.89
C ALA A 108 12.47 -24.22 -5.80
N HIS A 109 13.76 -23.89 -5.93
CA HIS A 109 14.44 -23.02 -4.99
C HIS A 109 13.82 -21.62 -5.03
N SER A 110 13.51 -21.15 -6.22
CA SER A 110 12.83 -19.86 -6.39
C SER A 110 11.43 -19.85 -5.76
N ASN A 111 10.67 -20.93 -5.93
CA ASN A 111 9.35 -21.03 -5.30
C ASN A 111 9.45 -21.07 -3.78
N LEU A 112 10.42 -21.83 -3.26
CA LEU A 112 10.68 -21.85 -1.83
C LEU A 112 11.07 -20.47 -1.32
N ALA A 113 11.95 -19.79 -2.05
CA ALA A 113 12.35 -18.43 -1.68
C ALA A 113 11.13 -17.51 -1.52
N SER A 114 10.18 -17.58 -2.45
N SER A 114 10.19 -17.60 -2.46
CA SER A 114 8.99 -16.73 -2.40
CA SER A 114 9.00 -16.74 -2.43
C SER A 114 8.16 -16.94 -1.14
C SER A 114 8.12 -16.95 -1.20
N ILE A 115 7.96 -18.20 -0.76
CA ILE A 115 7.16 -18.48 0.42
C ILE A 115 7.89 -18.07 1.72
N HIS A 116 9.22 -18.15 1.73
CA HIS A 116 10.00 -17.57 2.82
C HIS A 116 9.79 -16.06 2.92
N LYS A 117 9.86 -15.37 1.79
CA LYS A 117 9.65 -13.92 1.75
C LYS A 117 8.24 -13.56 2.25
N ASP A 118 7.22 -14.22 1.70
CA ASP A 118 5.83 -14.01 2.11
C ASP A 118 5.59 -14.29 3.60
N SER A 119 6.34 -15.24 4.17
CA SER A 119 6.23 -15.58 5.59
C SER A 119 6.95 -14.60 6.53
N GLY A 120 7.79 -13.71 6.02
CA GLY A 120 8.56 -12.77 6.84
C GLY A 120 9.99 -13.23 7.15
N ASN A 121 10.51 -14.16 6.36
CA ASN A 121 11.85 -14.68 6.55
C ASN A 121 12.69 -14.21 5.34
N ILE A 122 13.13 -12.96 5.40
CA ILE A 122 13.85 -12.38 4.27
C ILE A 122 15.23 -12.98 4.07
N PRO A 123 16.00 -13.23 5.16
CA PRO A 123 17.33 -13.84 4.97
C PRO A 123 17.28 -15.21 4.30
N GLU A 124 16.31 -16.06 4.67
CA GLU A 124 16.18 -17.34 4.00
C GLU A 124 15.69 -17.20 2.55
N ALA A 125 14.83 -16.21 2.27
CA ALA A 125 14.39 -15.95 0.89
C ALA A 125 15.57 -15.53 0.04
N ILE A 126 16.40 -14.64 0.57
CA ILE A 126 17.62 -14.20 -0.12
C ILE A 126 18.49 -15.40 -0.47
N ALA A 127 18.73 -16.25 0.52
CA ALA A 127 19.58 -17.45 0.36
C ALA A 127 19.06 -18.40 -0.69
N SER A 128 17.76 -18.69 -0.66
CA SER A 128 17.14 -19.56 -1.66
C SER A 128 17.16 -18.95 -3.07
N TYR A 129 16.90 -17.64 -3.21
CA TYR A 129 17.05 -17.00 -4.53
C TYR A 129 18.50 -17.05 -5.05
N ARG A 130 19.48 -16.92 -4.15
CA ARG A 130 20.90 -16.98 -4.55
C ARG A 130 21.29 -18.38 -5.01
N THR A 131 20.71 -19.39 -4.37
CA THR A 131 20.84 -20.78 -4.82
C THR A 131 20.24 -20.95 -6.22
N ALA A 132 19.01 -20.46 -6.42
CA ALA A 132 18.37 -20.51 -7.74
C ALA A 132 19.25 -19.87 -8.81
N LEU A 133 19.81 -18.71 -8.52
CA LEU A 133 20.65 -17.98 -9.49
C LEU A 133 22.02 -18.62 -9.73
N LYS A 134 22.56 -19.27 -8.70
CA LYS A 134 23.78 -20.08 -8.85
C LYS A 134 23.52 -21.25 -9.80
N LEU A 135 22.37 -21.90 -9.66
CA LEU A 135 22.00 -23.04 -10.50
C LEU A 135 21.61 -22.64 -11.92
N LYS A 136 20.94 -21.50 -12.07
CA LYS A 136 20.49 -20.99 -13.38
C LYS A 136 20.77 -19.50 -13.42
N PRO A 137 21.99 -19.10 -13.83
CA PRO A 137 22.36 -17.67 -13.80
C PRO A 137 21.45 -16.72 -14.58
N ASP A 138 20.83 -17.20 -15.66
CA ASP A 138 19.84 -16.42 -16.40
C ASP A 138 18.44 -16.82 -15.95
N PHE A 139 17.96 -16.19 -14.89
CA PHE A 139 16.66 -16.50 -14.28
C PHE A 139 16.04 -15.18 -13.85
N PRO A 140 15.36 -14.48 -14.78
CA PRO A 140 14.84 -13.14 -14.52
C PRO A 140 13.89 -13.04 -13.31
N ASP A 141 12.95 -13.97 -13.17
CA ASP A 141 12.05 -13.99 -12.01
C ASP A 141 12.80 -13.97 -10.68
N ALA A 142 13.80 -14.86 -10.55
CA ALA A 142 14.58 -14.97 -9.33
C ALA A 142 15.44 -13.73 -9.07
N TYR A 143 16.07 -13.20 -10.12
CA TYR A 143 16.87 -11.99 -9.99
C TYR A 143 16.05 -10.80 -9.51
N CYS A 144 14.90 -10.58 -10.13
CA CYS A 144 14.03 -9.45 -9.77
C CYS A 144 13.38 -9.61 -8.40
N ASN A 145 12.97 -10.82 -8.05
CA ASN A 145 12.43 -11.07 -6.71
C ASN A 145 13.53 -10.90 -5.64
N LEU A 146 14.73 -11.38 -5.93
CA LEU A 146 15.89 -11.14 -5.06
C LEU A 146 16.16 -9.64 -4.87
N ALA A 147 16.11 -8.89 -5.97
CA ALA A 147 16.32 -7.45 -5.93
C ALA A 147 15.34 -6.77 -4.98
N HIS A 148 14.07 -7.19 -5.00
CA HIS A 148 13.10 -6.66 -4.03
C HIS A 148 13.40 -7.06 -2.59
N CYS A 149 13.79 -8.32 -2.36
CA CYS A 149 14.23 -8.73 -1.01
C CYS A 149 15.37 -7.88 -0.48
N LEU A 150 16.37 -7.62 -1.33
CA LEU A 150 17.51 -6.79 -0.93
C LEU A 150 17.05 -5.34 -0.65
N GLN A 151 16.12 -4.83 -1.47
CA GLN A 151 15.47 -3.51 -1.23
C GLN A 151 14.79 -3.46 0.15
N ILE A 152 14.06 -4.52 0.50
CA ILE A 152 13.33 -4.60 1.77
C ILE A 152 14.22 -4.42 3.00
N VAL A 153 15.44 -4.97 2.94
CA VAL A 153 16.37 -4.91 4.06
C VAL A 153 17.48 -3.87 3.86
N CYS A 154 17.35 -3.02 2.84
CA CYS A 154 18.33 -1.97 2.54
C CYS A 154 19.74 -2.53 2.36
N ASP A 155 19.83 -3.67 1.68
CA ASP A 155 21.11 -4.18 1.21
C ASP A 155 21.37 -3.51 -0.13
N TRP A 156 22.36 -2.61 -0.16
CA TRP A 156 22.68 -1.83 -1.34
C TRP A 156 24.06 -2.21 -1.93
N THR A 157 24.50 -3.44 -1.68
CA THR A 157 25.70 -3.97 -2.32
C THR A 157 25.51 -3.98 -3.84
N ASP A 158 26.45 -3.35 -4.56
CA ASP A 158 26.40 -3.23 -6.03
C ASP A 158 25.07 -2.65 -6.53
N TYR A 159 24.57 -1.64 -5.83
CA TYR A 159 23.23 -1.11 -6.07
C TYR A 159 23.06 -0.62 -7.49
N ASP A 160 24.00 0.20 -7.95
CA ASP A 160 23.90 0.81 -9.28
C ASP A 160 23.97 -0.23 -10.41
N GLU A 161 24.83 -1.23 -10.23
CA GLU A 161 24.93 -2.40 -11.12
C GLU A 161 23.63 -3.21 -11.13
N ARG A 162 23.06 -3.44 -9.95
CA ARG A 162 21.77 -4.12 -9.80
C ARG A 162 20.65 -3.39 -10.53
N MET A 163 20.58 -2.07 -10.34
CA MET A 163 19.57 -1.25 -11.01
C MET A 163 19.71 -1.33 -12.53
N LYS A 164 20.94 -1.23 -13.04
CA LYS A 164 21.19 -1.38 -14.49
C LYS A 164 20.74 -2.74 -15.01
N LYS A 165 21.03 -3.80 -14.25
CA LYS A 165 20.65 -5.14 -14.67
C LYS A 165 19.12 -5.33 -14.69
N LEU A 166 18.42 -4.81 -13.67
CA LEU A 166 16.94 -4.82 -13.67
C LEU A 166 16.36 -4.17 -14.92
N VAL A 167 16.90 -3.01 -15.29
CA VAL A 167 16.41 -2.30 -16.48
C VAL A 167 16.68 -3.13 -17.74
N SER A 168 17.88 -3.72 -17.80
CA SER A 168 18.28 -4.59 -18.91
C SER A 168 17.36 -5.79 -19.05
N ILE A 169 17.05 -6.43 -17.92
CA ILE A 169 16.14 -7.59 -17.90
C ILE A 169 14.76 -7.20 -18.44
N VAL A 170 14.25 -6.04 -18.03
CA VAL A 170 12.92 -5.59 -18.47
C VAL A 170 12.91 -5.30 -19.97
N ALA A 171 13.91 -4.55 -20.44
CA ALA A 171 14.06 -4.26 -21.89
C ALA A 171 13.99 -5.55 -22.71
N ASP A 172 14.79 -6.53 -22.30
CA ASP A 172 14.91 -7.81 -23.01
C ASP A 172 13.60 -8.60 -23.02
N GLN A 173 12.90 -8.62 -21.89
CA GLN A 173 11.60 -9.29 -21.78
C GLN A 173 10.48 -8.60 -22.57
N LEU A 174 10.49 -7.27 -22.59
CA LEU A 174 9.51 -6.50 -23.36
C LEU A 174 9.74 -6.65 -24.87
N GLU A 175 11.01 -6.67 -25.27
CA GLU A 175 11.39 -6.87 -26.68
C GLU A 175 11.00 -8.25 -27.22
N LYS A 176 10.93 -9.25 -26.34
CA LYS A 176 10.50 -10.61 -26.68
C LYS A 176 9.02 -10.89 -26.32
N ASN A 177 8.30 -9.87 -25.88
CA ASN A 177 6.90 -9.97 -25.44
C ASN A 177 6.60 -11.08 -24.43
N ARG A 178 7.49 -11.20 -23.46
CA ARG A 178 7.29 -12.04 -22.28
C ARG A 178 6.72 -11.15 -21.16
N LEU A 179 6.10 -11.79 -20.16
CA LEU A 179 5.64 -11.09 -18.96
C LEU A 179 6.88 -10.62 -18.20
N PRO A 180 7.02 -9.30 -17.96
CA PRO A 180 8.21 -8.86 -17.25
C PRO A 180 8.28 -9.34 -15.80
N SER A 181 9.51 -9.56 -15.33
CA SER A 181 9.77 -10.11 -14.02
C SER A 181 9.63 -9.08 -12.89
N VAL A 182 9.71 -7.80 -13.25
CA VAL A 182 9.42 -6.72 -12.31
C VAL A 182 7.91 -6.53 -12.21
N HIS A 183 7.40 -6.60 -10.99
CA HIS A 183 5.97 -6.42 -10.73
C HIS A 183 5.63 -4.92 -10.89
N PRO A 184 4.46 -4.61 -11.46
CA PRO A 184 4.06 -3.20 -11.67
C PRO A 184 4.14 -2.31 -10.43
N HIS A 185 3.64 -2.80 -9.30
CA HIS A 185 3.76 -2.13 -8.00
C HIS A 185 5.19 -1.81 -7.55
N HIS A 186 6.16 -2.65 -7.94
CA HIS A 186 7.59 -2.42 -7.63
C HIS A 186 8.32 -1.54 -8.63
N SER A 187 7.76 -1.38 -9.83
CA SER A 187 8.44 -0.67 -10.93
C SER A 187 8.81 0.77 -10.59
N MET A 188 8.05 1.43 -9.71
CA MET A 188 8.40 2.79 -9.32
C MET A 188 9.67 2.89 -8.49
N LEU A 189 10.13 1.78 -7.91
CA LEU A 189 11.36 1.78 -7.09
C LEU A 189 12.65 1.76 -7.92
N TYR A 190 12.56 1.50 -9.23
CA TYR A 190 13.73 1.28 -10.06
C TYR A 190 13.82 2.32 -11.17
N PRO A 191 15.05 2.65 -11.62
CA PRO A 191 15.21 3.71 -12.62
C PRO A 191 14.84 3.27 -14.04
N LEU A 192 13.58 2.87 -14.21
CA LEU A 192 13.03 2.46 -15.50
C LEU A 192 12.41 3.72 -16.12
N SER A 193 12.30 3.73 -17.45
CA SER A 193 11.63 4.82 -18.15
C SER A 193 10.13 4.76 -17.89
N HIS A 194 9.43 5.88 -18.12
CA HIS A 194 7.96 5.91 -18.01
C HIS A 194 7.31 4.93 -18.97
N GLY A 195 7.87 4.83 -20.18
CA GLY A 195 7.42 3.87 -21.19
C GLY A 195 7.49 2.44 -20.70
N PHE A 196 8.63 2.08 -20.08
CA PHE A 196 8.83 0.74 -19.52
C PHE A 196 7.88 0.45 -18.35
N ARG A 197 7.65 1.41 -17.46
CA ARG A 197 6.69 1.23 -16.37
C ARG A 197 5.28 1.00 -16.88
N LYS A 198 4.85 1.83 -17.84
CA LYS A 198 3.55 1.65 -18.49
C LYS A 198 3.44 0.29 -19.19
N ALA A 199 4.53 -0.14 -19.85
CA ALA A 199 4.54 -1.40 -20.56
C ALA A 199 4.47 -2.60 -19.62
N ILE A 200 5.18 -2.52 -18.48
CA ILE A 200 5.05 -3.54 -17.43
C ILE A 200 3.58 -3.66 -17.01
N ALA A 201 2.95 -2.53 -16.72
CA ALA A 201 1.56 -2.53 -16.28
C ALA A 201 0.64 -3.16 -17.32
N GLU A 202 0.78 -2.72 -18.56
CA GLU A 202 0.00 -3.25 -19.69
C GLU A 202 0.06 -4.77 -19.83
N ARG A 203 1.27 -5.33 -19.70
CA ARG A 203 1.45 -6.78 -19.83
C ARG A 203 0.78 -7.55 -18.68
N HIS A 204 0.75 -6.95 -17.48
CA HIS A 204 0.06 -7.57 -16.34
C HIS A 204 -1.45 -7.47 -16.48
N GLY A 205 -1.93 -6.32 -16.98
CA GLY A 205 -3.33 -6.17 -17.37
C GLY A 205 -3.79 -7.17 -18.42
N ASN A 206 -2.90 -7.49 -19.36
CA ASN A 206 -3.23 -8.45 -20.41
C ASN A 206 -3.44 -9.88 -19.90
N LEU A 207 -2.77 -10.27 -18.81
CA LEU A 207 -3.05 -11.56 -18.14
C LEU A 207 -4.53 -11.71 -17.77
N CYS A 208 -5.16 -10.61 -17.33
CA CYS A 208 -6.58 -10.63 -16.97
C CYS A 208 -7.48 -10.79 -18.19
N LEU A 209 -7.16 -10.07 -19.27
CA LEU A 209 -7.85 -10.21 -20.56
C LEU A 209 -7.81 -11.65 -21.09
N ASP A 210 -6.65 -12.31 -20.97
CA ASP A 210 -6.51 -13.70 -21.41
C ASP A 210 -7.40 -14.65 -20.60
N LYS A 211 -7.51 -14.40 -19.29
CA LYS A 211 -8.29 -15.26 -18.42
C LYS A 211 -9.79 -15.15 -18.66
N ILE A 212 -10.29 -13.95 -18.95
CA ILE A 212 -11.72 -13.74 -19.23
C ILE A 212 -12.16 -14.20 -20.63
N ASN A 213 -11.22 -14.31 -21.58
CA ASN A 213 -11.56 -14.72 -22.97
C ASN A 213 -12.04 -16.17 -23.08
N VAL A 214 -11.71 -17.02 -22.11
CA VAL A 214 -12.28 -18.38 -22.02
C VAL A 214 -13.81 -18.39 -21.88
N LEU A 215 -14.37 -17.36 -21.24
CA LEU A 215 -15.79 -17.30 -20.90
C LEU A 215 -16.68 -17.02 -22.12
N HIS A 216 -16.14 -16.33 -23.11
CA HIS A 216 -16.86 -15.98 -24.36
C HIS A 216 -18.08 -15.12 -24.07
N LYS A 217 -17.84 -14.01 -23.36
CA LYS A 217 -18.90 -13.07 -23.02
C LYS A 217 -18.97 -11.99 -24.09
N PRO A 218 -20.19 -11.64 -24.54
CA PRO A 218 -20.31 -10.49 -25.44
C PRO A 218 -20.09 -9.20 -24.65
N PRO A 219 -19.86 -8.07 -25.35
CA PRO A 219 -19.87 -6.80 -24.64
C PRO A 219 -21.21 -6.59 -23.90
N TYR A 220 -21.14 -6.05 -22.68
CA TYR A 220 -22.35 -5.72 -21.94
C TYR A 220 -23.00 -4.47 -22.54
N GLU A 221 -24.32 -4.41 -22.44
CA GLU A 221 -25.07 -3.20 -22.82
C GLU A 221 -25.14 -2.23 -21.64
N HIS A 222 -24.68 -0.99 -21.85
CA HIS A 222 -24.54 0.00 -20.78
C HIS A 222 -25.62 1.08 -20.84
N PRO A 223 -26.12 1.53 -19.67
CA PRO A 223 -27.05 2.68 -19.60
C PRO A 223 -26.53 3.91 -20.37
N LYS A 224 -27.44 4.56 -21.11
CA LYS A 224 -27.13 5.80 -21.83
C LYS A 224 -27.59 7.05 -21.05
N ASP A 225 -28.46 6.85 -20.06
CA ASP A 225 -28.97 7.94 -19.20
C ASP A 225 -29.27 7.38 -17.81
N LEU A 226 -29.76 8.23 -16.90
CA LEU A 226 -30.06 7.83 -15.52
C LEU A 226 -31.55 7.50 -15.26
N LYS A 227 -32.26 7.06 -16.29
CA LYS A 227 -33.72 6.82 -16.17
C LYS A 227 -34.09 5.67 -15.23
N LEU A 228 -33.45 4.52 -15.40
CA LEU A 228 -33.75 3.35 -14.55
C LEU A 228 -33.35 3.55 -13.07
N SER A 229 -32.38 4.43 -12.81
CA SER A 229 -31.86 4.66 -11.45
C SER A 229 -32.46 5.89 -10.73
N ASP A 230 -33.65 6.35 -11.16
CA ASP A 230 -34.31 7.56 -10.61
C ASP A 230 -33.45 8.82 -10.63
N GLY A 231 -32.67 8.99 -11.69
CA GLY A 231 -31.77 10.13 -11.81
C GLY A 231 -30.51 10.10 -10.95
N ARG A 232 -30.19 8.92 -10.39
CA ARG A 232 -29.02 8.74 -9.54
C ARG A 232 -27.90 8.04 -10.30
N LEU A 233 -26.69 8.56 -10.18
CA LEU A 233 -25.51 7.92 -10.76
C LEU A 233 -25.10 6.78 -9.83
N ARG A 234 -25.03 5.57 -10.38
CA ARG A 234 -24.67 4.38 -9.62
C ARG A 234 -23.15 4.17 -9.69
N VAL A 235 -22.48 4.33 -8.55
CA VAL A 235 -21.03 4.24 -8.47
C VAL A 235 -20.68 2.96 -7.70
N GLY A 236 -19.78 2.17 -8.26
CA GLY A 236 -19.37 0.90 -7.67
C GLY A 236 -17.92 0.99 -7.26
N TYR A 237 -17.65 0.85 -5.96
CA TYR A 237 -16.29 0.82 -5.43
C TYR A 237 -15.87 -0.63 -5.24
N VAL A 238 -14.84 -1.06 -5.96
CA VAL A 238 -14.38 -2.45 -5.92
C VAL A 238 -13.05 -2.50 -5.17
N SER A 239 -12.99 -3.24 -4.07
CA SER A 239 -11.78 -3.31 -3.26
C SER A 239 -11.65 -4.62 -2.49
N SER A 240 -10.42 -5.12 -2.40
CA SER A 240 -10.11 -6.21 -1.46
C SER A 240 -9.83 -5.72 -0.05
N ASP A 241 -9.92 -4.41 0.18
CA ASP A 241 -9.37 -3.77 1.36
C ASP A 241 -10.43 -3.03 2.20
N PHE A 242 -11.70 -3.44 2.08
CA PHE A 242 -12.75 -3.00 3.03
C PHE A 242 -12.58 -3.84 4.29
N GLY A 243 -11.82 -3.29 5.23
CA GLY A 243 -11.34 -4.02 6.40
C GLY A 243 -10.16 -3.29 6.96
N ASN A 244 -9.38 -3.96 7.79
CA ASN A 244 -8.21 -3.33 8.39
C ASN A 244 -7.07 -3.28 7.36
N HIS A 245 -7.03 -2.17 6.63
CA HIS A 245 -6.05 -1.94 5.57
C HIS A 245 -5.90 -0.43 5.39
N PRO A 246 -4.70 0.06 5.01
CA PRO A 246 -4.54 1.51 4.79
C PRO A 246 -5.60 2.20 3.93
N THR A 247 -6.07 1.53 2.88
CA THR A 247 -7.08 2.13 2.00
C THR A 247 -8.39 2.45 2.75
N SER A 248 -8.88 1.53 3.59
CA SER A 248 -10.04 1.85 4.47
C SER A 248 -9.75 2.98 5.46
N HIS A 249 -8.53 3.02 5.99
CA HIS A 249 -8.11 4.11 6.88
C HIS A 249 -8.12 5.48 6.17
N LEU A 250 -8.04 5.47 4.84
CA LEU A 250 -8.17 6.67 4.03
C LEU A 250 -9.62 7.04 3.71
N MET A 251 -10.42 6.06 3.25
CA MET A 251 -11.68 6.37 2.61
C MET A 251 -12.94 5.76 3.24
N GLN A 252 -12.86 5.19 4.44
CA GLN A 252 -14.05 4.51 5.00
C GLN A 252 -15.27 5.43 5.18
N SER A 253 -15.06 6.74 5.33
CA SER A 253 -16.16 7.67 5.48
C SER A 253 -16.81 8.08 4.14
N ILE A 254 -16.14 7.85 3.02
CA ILE A 254 -16.59 8.37 1.71
C ILE A 254 -17.95 7.80 1.25
N PRO A 255 -18.12 6.47 1.24
CA PRO A 255 -19.42 5.91 0.83
C PRO A 255 -20.64 6.52 1.51
N GLY A 256 -20.56 6.68 2.83
CA GLY A 256 -21.62 7.30 3.61
C GLY A 256 -21.86 8.79 3.43
N MET A 257 -20.88 9.51 2.90
N MET A 257 -20.86 9.50 2.90
CA MET A 257 -21.03 10.95 2.64
CA MET A 257 -20.95 10.93 2.63
C MET A 257 -21.50 11.28 1.22
C MET A 257 -21.60 11.25 1.29
N HIS A 258 -21.74 10.26 0.41
CA HIS A 258 -22.33 10.47 -0.92
C HIS A 258 -23.78 10.98 -0.79
N ASN A 259 -24.14 11.93 -1.66
CA ASN A 259 -25.46 12.54 -1.69
C ASN A 259 -26.47 11.54 -2.26
N PRO A 260 -27.39 11.02 -1.42
CA PRO A 260 -28.29 9.99 -1.95
C PRO A 260 -29.32 10.50 -2.97
N ASP A 261 -29.56 11.81 -3.04
CA ASP A 261 -30.42 12.38 -4.07
C ASP A 261 -29.81 12.22 -5.47
N LYS A 262 -28.48 12.29 -5.58
CA LYS A 262 -27.79 12.22 -6.88
C LYS A 262 -26.95 10.96 -7.09
N PHE A 263 -26.69 10.17 -6.05
CA PHE A 263 -25.80 9.01 -6.15
C PHE A 263 -26.34 7.79 -5.43
N GLU A 264 -26.01 6.62 -5.99
CA GLU A 264 -26.34 5.35 -5.39
C GLU A 264 -25.04 4.58 -5.31
N VAL A 265 -24.62 4.25 -4.09
CA VAL A 265 -23.30 3.68 -3.83
C VAL A 265 -23.35 2.18 -3.60
N PHE A 266 -22.57 1.46 -4.40
CA PHE A 266 -22.42 0.03 -4.28
C PHE A 266 -20.97 -0.24 -3.91
N CYS A 267 -20.74 -1.00 -2.85
CA CYS A 267 -19.40 -1.45 -2.49
C CYS A 267 -19.27 -2.94 -2.76
N TYR A 268 -18.35 -3.29 -3.65
CA TYR A 268 -18.06 -4.68 -3.98
C TYR A 268 -16.77 -5.12 -3.30
N ALA A 269 -16.91 -5.90 -2.23
CA ALA A 269 -15.77 -6.42 -1.49
C ALA A 269 -15.23 -7.64 -2.20
N LEU A 270 -13.92 -7.65 -2.40
CA LEU A 270 -13.20 -8.82 -2.91
C LEU A 270 -12.62 -9.70 -1.83
N SER A 271 -12.79 -9.30 -0.57
CA SER A 271 -12.27 -10.04 0.57
C SER A 271 -13.42 -10.40 1.48
N PRO A 272 -13.30 -11.51 2.22
CA PRO A 272 -14.30 -11.79 3.25
C PRO A 272 -14.22 -10.81 4.43
N ASP A 273 -15.29 -10.80 5.22
CA ASP A 273 -15.41 -9.94 6.40
C ASP A 273 -14.35 -10.32 7.44
N ASP A 274 -13.46 -9.38 7.75
CA ASP A 274 -12.40 -9.62 8.74
C ASP A 274 -12.79 -9.34 10.20
N GLY A 275 -14.04 -8.97 10.46
CA GLY A 275 -14.55 -8.73 11.81
C GLY A 275 -14.27 -7.33 12.33
N THR A 276 -13.64 -6.47 11.54
CA THR A 276 -13.21 -5.15 12.04
C THR A 276 -14.29 -4.10 11.84
N ASN A 277 -14.18 -3.01 12.59
CA ASN A 277 -15.13 -1.92 12.49
C ASN A 277 -15.06 -1.19 11.15
N PHE A 278 -13.92 -1.26 10.47
CA PHE A 278 -13.76 -0.68 9.15
C PHE A 278 -14.75 -1.30 8.16
N ARG A 279 -14.83 -2.63 8.18
CA ARG A 279 -15.79 -3.37 7.36
C ARG A 279 -17.23 -3.09 7.80
N VAL A 280 -17.46 -3.07 9.12
CA VAL A 280 -18.78 -2.74 9.66
C VAL A 280 -19.30 -1.41 9.09
N LYS A 281 -18.44 -0.39 9.08
CA LYS A 281 -18.83 0.95 8.68
C LYS A 281 -19.18 1.05 7.20
N VAL A 282 -18.35 0.47 6.33
CA VAL A 282 -18.62 0.51 4.91
C VAL A 282 -19.88 -0.31 4.61
N MET A 283 -20.06 -1.44 5.27
CA MET A 283 -21.27 -2.24 5.08
C MET A 283 -22.54 -1.50 5.51
N ALA A 284 -22.45 -0.76 6.63
CA ALA A 284 -23.58 -0.01 7.15
C ALA A 284 -23.93 1.20 6.30
N GLU A 285 -22.93 1.87 5.76
CA GLU A 285 -23.12 3.19 5.17
C GLU A 285 -23.25 3.21 3.65
N ALA A 286 -22.68 2.24 2.95
CA ALA A 286 -22.91 2.10 1.51
C ALA A 286 -24.41 1.84 1.30
N ASN A 287 -24.96 2.32 0.20
CA ASN A 287 -26.37 2.03 -0.12
C ASN A 287 -26.54 0.51 -0.31
N HIS A 288 -25.54 -0.11 -0.95
CA HIS A 288 -25.51 -1.54 -1.18
C HIS A 288 -24.09 -2.05 -0.95
N PHE A 289 -23.97 -3.20 -0.29
CA PHE A 289 -22.69 -3.87 -0.08
C PHE A 289 -22.79 -5.30 -0.59
N ILE A 290 -21.89 -5.68 -1.50
CA ILE A 290 -21.91 -7.00 -2.15
C ILE A 290 -20.58 -7.68 -1.90
N ASP A 291 -20.62 -8.86 -1.29
CA ASP A 291 -19.42 -9.63 -0.99
C ASP A 291 -19.08 -10.53 -2.18
N LEU A 292 -18.27 -10.01 -3.10
CA LEU A 292 -17.82 -10.81 -4.25
C LEU A 292 -16.79 -11.90 -3.91
N SER A 293 -16.27 -11.96 -2.68
CA SER A 293 -15.41 -13.07 -2.26
C SER A 293 -16.17 -14.40 -2.22
N GLN A 294 -17.50 -14.31 -2.08
CA GLN A 294 -18.41 -15.47 -2.16
C GLN A 294 -18.67 -15.96 -3.59
N ILE A 295 -18.35 -15.13 -4.59
CA ILE A 295 -18.54 -15.42 -6.01
C ILE A 295 -17.15 -15.49 -6.71
N PRO A 296 -16.41 -16.60 -6.52
CA PRO A 296 -15.06 -16.68 -7.10
C PRO A 296 -14.97 -16.67 -8.64
N CYS A 297 -16.01 -17.13 -9.35
N CYS A 297 -16.03 -17.12 -9.33
CA CYS A 297 -16.06 -17.08 -10.81
CA CYS A 297 -16.10 -17.08 -10.79
C CYS A 297 -16.25 -15.64 -11.28
C CYS A 297 -16.26 -15.64 -11.29
N ASN A 298 -15.29 -15.15 -12.06
CA ASN A 298 -15.28 -13.76 -12.54
C ASN A 298 -16.38 -13.43 -13.54
N GLY A 299 -16.90 -14.43 -14.24
CA GLY A 299 -18.04 -14.23 -15.13
C GLY A 299 -19.32 -13.91 -14.39
N LYS A 300 -19.63 -14.72 -13.37
CA LYS A 300 -20.83 -14.53 -12.54
C LYS A 300 -20.69 -13.30 -11.65
N ALA A 301 -19.48 -13.03 -11.16
CA ALA A 301 -19.21 -11.81 -10.39
C ALA A 301 -19.40 -10.55 -11.23
N ALA A 302 -18.93 -10.55 -12.48
CA ALA A 302 -19.14 -9.41 -13.38
C ALA A 302 -20.60 -9.24 -13.81
N ASP A 303 -21.33 -10.36 -13.93
CA ASP A 303 -22.78 -10.29 -14.19
C ASP A 303 -23.45 -9.58 -13.02
N ARG A 304 -23.09 -9.98 -11.80
CA ARG A 304 -23.58 -9.39 -10.55
C ARG A 304 -23.46 -7.86 -10.52
N ILE A 305 -22.35 -7.35 -11.06
CA ILE A 305 -22.12 -5.90 -11.19
C ILE A 305 -23.02 -5.28 -12.27
N HIS A 306 -23.15 -5.95 -13.42
CA HIS A 306 -23.94 -5.41 -14.54
C HIS A 306 -25.43 -5.29 -14.23
N GLN A 307 -25.98 -6.26 -13.48
CA GLN A 307 -27.37 -6.23 -13.02
C GLN A 307 -27.66 -5.02 -12.17
N ASP A 308 -26.75 -4.77 -11.23
CA ASP A 308 -26.86 -3.62 -10.33
C ASP A 308 -26.92 -2.31 -11.10
N GLY A 309 -26.43 -2.31 -12.32
CA GLY A 309 -26.61 -1.20 -13.25
C GLY A 309 -25.60 -0.09 -13.05
N ILE A 310 -24.38 -0.47 -12.70
CA ILE A 310 -23.33 0.51 -12.35
C ILE A 310 -22.99 1.40 -13.55
N HIS A 311 -22.82 2.69 -13.31
CA HIS A 311 -22.36 3.64 -14.32
C HIS A 311 -20.85 3.83 -14.26
N ILE A 312 -20.32 4.08 -13.05
CA ILE A 312 -18.88 4.25 -12.85
C ILE A 312 -18.39 3.15 -11.90
N LEU A 313 -17.48 2.31 -12.40
CA LEU A 313 -16.87 1.26 -11.59
C LEU A 313 -15.47 1.71 -11.24
N VAL A 314 -15.15 1.69 -9.95
CA VAL A 314 -13.93 2.29 -9.45
C VAL A 314 -13.01 1.20 -8.95
N ASN A 315 -11.80 1.16 -9.51
CA ASN A 315 -10.81 0.13 -9.22
C ASN A 315 -9.91 0.69 -8.13
N MET A 316 -10.07 0.14 -6.92
CA MET A 316 -9.27 0.57 -5.78
C MET A 316 -8.06 -0.32 -5.52
N ASN A 317 -7.86 -1.37 -6.30
CA ASN A 317 -6.70 -2.25 -6.09
C ASN A 317 -5.55 -2.01 -7.06
N GLY A 318 -5.84 -1.80 -8.35
CA GLY A 318 -4.82 -1.89 -9.39
C GLY A 318 -4.11 -3.22 -9.25
N TYR A 319 -2.78 -3.20 -9.28
CA TYR A 319 -1.98 -4.43 -9.14
C TYR A 319 -1.46 -4.64 -7.72
N THR A 320 -2.37 -4.55 -6.75
CA THR A 320 -2.08 -4.89 -5.35
C THR A 320 -2.71 -6.23 -5.03
N LYS A 321 -2.28 -6.80 -3.91
CA LYS A 321 -2.79 -8.08 -3.44
C LYS A 321 -4.31 -8.06 -3.29
N GLY A 322 -4.94 -9.16 -3.70
CA GLY A 322 -6.38 -9.31 -3.66
C GLY A 322 -7.14 -8.75 -4.85
N ALA A 323 -6.44 -8.13 -5.81
CA ALA A 323 -7.10 -7.59 -6.99
C ALA A 323 -7.81 -8.68 -7.78
N ARG A 324 -8.90 -8.30 -8.43
CA ARG A 324 -9.60 -9.15 -9.39
C ARG A 324 -9.92 -8.26 -10.57
N ASN A 325 -8.87 -7.86 -11.28
CA ASN A 325 -9.00 -6.97 -12.42
C ASN A 325 -9.65 -7.65 -13.64
N GLU A 326 -9.76 -8.98 -13.59
CA GLU A 326 -10.63 -9.74 -14.51
C GLU A 326 -12.07 -9.18 -14.51
N LEU A 327 -12.54 -8.73 -13.35
CA LEU A 327 -13.84 -8.05 -13.25
C LEU A 327 -13.88 -6.83 -14.14
N PHE A 328 -12.82 -6.02 -14.14
CA PHE A 328 -12.74 -4.81 -14.98
C PHE A 328 -12.46 -5.09 -16.47
N ALA A 329 -11.71 -6.15 -16.75
CA ALA A 329 -11.45 -6.58 -18.14
C ALA A 329 -12.74 -6.90 -18.90
N LEU A 330 -13.73 -7.44 -18.18
CA LEU A 330 -15.05 -7.72 -18.75
C LEU A 330 -15.93 -6.49 -19.03
N ARG A 331 -15.50 -5.30 -18.61
CA ARG A 331 -16.23 -4.03 -18.80
C ARG A 331 -17.74 -4.10 -18.46
N PRO A 332 -18.07 -4.45 -17.20
CA PRO A 332 -19.49 -4.49 -16.80
C PRO A 332 -20.13 -3.11 -16.59
N ALA A 333 -19.36 -2.03 -16.68
CA ALA A 333 -19.86 -0.68 -16.55
C ALA A 333 -19.26 0.20 -17.64
N PRO A 334 -19.96 1.29 -18.03
CA PRO A 334 -19.51 2.15 -19.13
C PRO A 334 -18.30 3.02 -18.85
N ILE A 335 -18.09 3.39 -17.59
CA ILE A 335 -16.91 4.17 -17.20
C ILE A 335 -16.22 3.45 -16.06
N GLN A 336 -14.91 3.26 -16.21
CA GLN A 336 -14.14 2.49 -15.23
C GLN A 336 -12.93 3.34 -14.86
N ALA A 337 -12.78 3.62 -13.56
CA ALA A 337 -11.77 4.58 -13.10
C ALA A 337 -10.89 3.99 -12.00
N MET A 338 -9.60 4.31 -12.06
CA MET A 338 -8.62 3.96 -11.04
C MET A 338 -8.66 5.04 -9.97
N TRP A 339 -8.70 4.64 -8.69
CA TRP A 339 -8.77 5.61 -7.59
C TRP A 339 -8.13 5.11 -6.30
N LEU A 340 -7.14 5.88 -5.84
CA LEU A 340 -6.63 5.91 -4.47
C LEU A 340 -5.71 4.76 -4.05
N GLY A 341 -6.14 3.53 -4.27
CA GLY A 341 -5.43 2.38 -3.73
C GLY A 341 -4.14 1.99 -4.45
N TYR A 342 -4.02 2.36 -5.72
CA TYR A 342 -2.85 1.99 -6.52
C TYR A 342 -2.15 3.24 -7.05
N PRO A 343 -0.88 3.46 -6.65
CA PRO A 343 -0.15 4.66 -7.04
C PRO A 343 0.57 4.51 -8.38
N GLY A 344 -0.19 4.22 -9.44
CA GLY A 344 0.40 4.05 -10.77
C GLY A 344 -0.66 3.82 -11.83
N THR A 345 -0.23 3.73 -13.08
CA THR A 345 -1.14 3.41 -14.18
C THR A 345 -1.45 1.91 -14.23
N SER A 346 -2.65 1.56 -14.68
CA SER A 346 -2.97 0.17 -14.99
C SER A 346 -2.33 -0.30 -16.30
N GLY A 347 -1.95 0.64 -17.16
CA GLY A 347 -1.46 0.31 -18.50
C GLY A 347 -2.48 -0.40 -19.39
N ALA A 348 -3.74 -0.46 -18.95
CA ALA A 348 -4.73 -1.34 -19.54
C ALA A 348 -5.78 -0.50 -20.24
N LEU A 349 -6.28 -1.03 -21.35
CA LEU A 349 -7.29 -0.33 -22.14
C LEU A 349 -8.66 -0.39 -21.46
N PHE A 350 -8.89 -1.41 -20.61
CA PHE A 350 -10.16 -1.56 -19.89
C PHE A 350 -10.42 -0.55 -18.76
N MET A 351 -9.41 0.24 -18.37
CA MET A 351 -9.57 1.36 -17.45
C MET A 351 -9.54 2.68 -18.21
N ASP A 352 -10.57 3.51 -18.01
CA ASP A 352 -10.78 4.75 -18.76
C ASP A 352 -10.07 5.96 -18.17
N TYR A 353 -10.17 6.12 -16.84
CA TYR A 353 -9.62 7.27 -16.13
C TYR A 353 -8.75 6.84 -14.96
N ILE A 354 -7.85 7.73 -14.58
CA ILE A 354 -7.19 7.67 -13.28
C ILE A 354 -7.51 8.97 -12.55
N ILE A 355 -8.08 8.84 -11.35
CA ILE A 355 -8.43 9.99 -10.53
C ILE A 355 -7.17 10.44 -9.79
N THR A 356 -6.70 11.62 -10.13
CA THR A 356 -5.45 12.14 -9.62
C THR A 356 -5.62 13.66 -9.46
N ASP A 357 -4.52 14.40 -9.53
CA ASP A 357 -4.58 15.85 -9.47
C ASP A 357 -3.38 16.46 -10.18
N GLN A 358 -3.41 17.79 -10.34
CA GLN A 358 -2.42 18.52 -11.12
C GLN A 358 -1.02 18.48 -10.50
N GLU A 359 -0.94 18.45 -9.17
CA GLU A 359 0.37 18.34 -8.50
C GLU A 359 0.96 16.94 -8.61
N THR A 360 0.12 15.92 -8.47
CA THR A 360 0.56 14.54 -8.53
C THR A 360 0.89 14.13 -9.98
N SER A 361 0.02 14.50 -10.91
CA SER A 361 0.11 14.04 -12.29
C SER A 361 -0.04 15.21 -13.27
N PRO A 362 0.97 16.09 -13.35
CA PRO A 362 0.87 17.24 -14.28
C PRO A 362 0.74 16.82 -15.75
N ALA A 363 0.11 17.67 -16.55
CA ALA A 363 -0.20 17.39 -17.95
C ALA A 363 1.02 16.95 -18.77
N GLU A 364 2.19 17.54 -18.48
CA GLU A 364 3.47 17.16 -19.11
C GLU A 364 3.66 15.66 -19.21
N VAL A 365 3.51 14.98 -18.08
CA VAL A 365 3.79 13.53 -17.97
C VAL A 365 2.55 12.64 -18.20
N ALA A 366 1.57 13.09 -18.98
CA ALA A 366 0.38 12.28 -19.30
C ALA A 366 0.66 11.01 -20.13
N GLU A 367 1.87 10.89 -20.70
CA GLU A 367 2.29 9.68 -21.43
C GLU A 367 2.70 8.55 -20.50
N GLN A 368 3.07 8.90 -19.27
CA GLN A 368 3.24 7.96 -18.16
C GLN A 368 2.03 7.04 -17.92
N TYR A 369 0.81 7.54 -18.21
CA TYR A 369 -0.46 6.84 -17.96
C TYR A 369 -1.15 6.38 -19.24
N SER A 370 -1.76 5.20 -19.20
CA SER A 370 -2.63 4.72 -20.28
C SER A 370 -4.02 5.33 -20.20
N GLU A 371 -4.45 5.65 -18.97
CA GLU A 371 -5.76 6.22 -18.72
C GLU A 371 -5.70 7.71 -19.02
N LYS A 372 -6.88 8.31 -19.18
CA LYS A 372 -7.01 9.77 -19.21
C LYS A 372 -6.99 10.30 -17.77
N LEU A 373 -6.34 11.45 -17.57
CA LEU A 373 -6.29 12.12 -16.28
C LEU A 373 -7.63 12.75 -15.93
N ALA A 374 -8.11 12.49 -14.71
CA ALA A 374 -9.32 13.12 -14.17
C ALA A 374 -8.93 13.81 -12.87
N TYR A 375 -8.81 15.13 -12.91
CA TYR A 375 -8.27 15.90 -11.79
C TYR A 375 -9.31 16.20 -10.73
N MET A 376 -8.99 15.82 -9.49
CA MET A 376 -9.60 16.43 -8.32
C MET A 376 -8.98 17.83 -8.15
N PRO A 377 -9.72 18.77 -7.55
CA PRO A 377 -9.26 20.17 -7.55
C PRO A 377 -8.11 20.51 -6.59
N HIS A 378 -7.93 19.73 -5.54
CA HIS A 378 -6.83 19.97 -4.59
C HIS A 378 -5.87 18.78 -4.66
N THR A 379 -6.09 17.75 -3.84
CA THR A 379 -5.33 16.50 -4.01
C THR A 379 -6.33 15.37 -4.18
N PHE A 380 -5.92 14.30 -4.88
CA PHE A 380 -6.73 13.08 -4.92
C PHE A 380 -6.63 12.30 -3.61
N PHE A 381 -5.63 12.62 -2.79
CA PHE A 381 -5.44 11.92 -1.53
C PHE A 381 -6.44 12.41 -0.48
N ILE A 382 -6.82 11.50 0.41
CA ILE A 382 -7.76 11.79 1.47
C ILE A 382 -7.38 10.87 2.62
N GLY A 383 -7.76 11.24 3.83
CA GLY A 383 -7.49 10.43 5.03
C GLY A 383 -8.69 10.50 5.93
N ASP A 384 -8.95 9.45 6.71
CA ASP A 384 -10.08 9.46 7.62
C ASP A 384 -9.68 9.92 9.03
N HIS A 385 -8.57 10.65 9.15
CA HIS A 385 -7.97 10.96 10.44
C HIS A 385 -8.88 11.78 11.37
N ALA A 386 -9.66 12.70 10.81
CA ALA A 386 -10.56 13.52 11.62
C ALA A 386 -11.61 12.66 12.34
N ASN A 387 -12.02 11.57 11.71
CA ASN A 387 -13.01 10.64 12.27
C ASN A 387 -12.32 9.60 13.15
N MET A 388 -11.18 9.08 12.71
CA MET A 388 -10.51 8.01 13.44
C MET A 388 -9.76 8.48 14.66
N PHE A 389 -9.12 9.64 14.58
CA PHE A 389 -8.25 10.14 15.65
C PHE A 389 -8.61 11.56 16.06
N PRO A 390 -9.87 11.77 16.48
CA PRO A 390 -10.24 13.13 16.87
C PRO A 390 -9.62 13.57 18.20
N HIS A 391 -9.13 12.61 18.99
CA HIS A 391 -8.38 12.91 20.22
C HIS A 391 -7.05 13.60 19.94
N LEU A 392 -6.58 13.59 18.69
CA LEU A 392 -5.35 14.31 18.31
C LEU A 392 -5.59 15.71 17.74
N LYS A 393 -6.84 16.17 17.74
CA LYS A 393 -7.16 17.53 17.26
C LYS A 393 -6.58 18.56 18.19
N LYS A 394 -6.55 18.26 19.49
CA LYS A 394 -5.96 19.15 20.47
C LYS A 394 -4.94 18.40 21.31
N LYS A 395 -4.02 19.15 21.90
CA LYS A 395 -3.03 18.56 22.78
C LYS A 395 -2.72 19.50 23.93
N ALA A 396 -2.13 18.92 24.97
CA ALA A 396 -1.51 19.67 26.06
C ALA A 396 -0.10 19.12 26.27
N VAL A 397 0.72 19.88 26.99
CA VAL A 397 2.05 19.42 27.34
C VAL A 397 2.34 19.63 28.81
N ILE A 398 3.38 18.96 29.28
CA ILE A 398 3.90 19.12 30.64
C ILE A 398 5.25 19.81 30.50
N ASP A 399 5.43 20.91 31.22
CA ASP A 399 6.67 21.69 31.19
C ASP A 399 7.67 21.12 32.18
N PHE A 400 8.53 20.24 31.69
CA PHE A 400 9.66 19.69 32.45
C PHE A 400 10.84 20.66 32.39
N ILE A 406 9.41 26.59 26.56
CA ILE A 406 8.36 25.54 26.52
C ILE A 406 8.41 24.75 25.20
N TYR A 407 8.39 23.42 25.31
CA TYR A 407 8.40 22.53 24.15
C TYR A 407 7.00 22.01 23.85
N ASP A 408 6.67 21.85 22.56
CA ASP A 408 5.38 21.28 22.15
C ASP A 408 5.39 19.76 21.92
N ASN A 409 6.55 19.11 22.04
CA ASN A 409 6.72 17.73 21.56
C ASN A 409 7.63 16.84 22.40
N ARG A 410 7.73 17.13 23.69
CA ARG A 410 8.54 16.33 24.62
C ARG A 410 7.67 15.40 25.45
N ILE A 411 6.64 15.97 26.06
CA ILE A 411 5.68 15.23 26.87
C ILE A 411 4.32 15.76 26.44
N VAL A 412 3.51 14.89 25.85
CA VAL A 412 2.26 15.31 25.20
C VAL A 412 1.09 14.53 25.79
N LEU A 413 -0.02 15.23 26.03
CA LEU A 413 -1.29 14.62 26.41
C LEU A 413 -2.34 14.85 25.32
N ASN A 414 -3.18 13.85 25.08
CA ASN A 414 -4.29 13.96 24.13
C ASN A 414 -5.46 13.20 24.74
N GLY A 415 -6.65 13.73 24.58
CA GLY A 415 -7.84 12.98 24.95
C GLY A 415 -9.11 13.76 24.71
N ILE A 416 -10.18 13.02 24.44
CA ILE A 416 -11.50 13.63 24.27
C ILE A 416 -11.87 14.44 25.52
N ASP A 417 -11.51 13.95 26.69
CA ASP A 417 -11.82 14.63 27.96
C ASP A 417 -10.65 15.45 28.51
N LEU A 418 -9.73 15.85 27.64
CA LEU A 418 -8.54 16.58 28.07
C LEU A 418 -8.89 17.92 28.71
N LYS A 419 -9.80 18.66 28.08
CA LYS A 419 -10.25 19.96 28.60
C LYS A 419 -10.77 19.86 30.04
N ALA A 420 -11.60 18.84 30.33
CA ALA A 420 -12.15 18.66 31.67
C ALA A 420 -11.05 18.30 32.68
N PHE A 421 -10.11 17.49 32.26
CA PHE A 421 -8.96 17.17 33.10
C PHE A 421 -8.12 18.40 33.43
N LEU A 422 -7.80 19.20 32.41
CA LEU A 422 -7.02 20.43 32.61
C LEU A 422 -7.74 21.42 33.51
N ASP A 423 -9.07 21.51 33.37
CA ASP A 423 -9.88 22.38 34.23
C ASP A 423 -9.90 21.95 35.71
N SER A 424 -9.59 20.69 36.01
CA SER A 424 -9.46 20.23 37.41
C SER A 424 -8.11 20.52 38.06
N LEU A 425 -7.14 21.06 37.30
CA LEU A 425 -5.78 21.26 37.80
C LEU A 425 -5.56 22.70 38.25
N PRO A 426 -4.68 22.92 39.25
CA PRO A 426 -4.52 24.25 39.84
C PRO A 426 -3.96 25.34 38.89
N ASP A 427 -2.77 25.14 38.33
CA ASP A 427 -2.02 26.25 37.69
C ASP A 427 -1.68 26.02 36.21
N VAL A 428 -2.69 25.77 35.39
CA VAL A 428 -2.47 25.51 33.96
C VAL A 428 -2.25 26.81 33.19
N LYS A 429 -1.17 26.86 32.42
CA LYS A 429 -0.79 28.02 31.63
C LYS A 429 -1.23 27.79 30.18
N ILE A 430 -1.84 28.80 29.57
CA ILE A 430 -2.26 28.73 28.17
C ILE A 430 -1.28 29.49 27.29
N VAL A 431 -0.60 28.78 26.39
CA VAL A 431 0.28 29.40 25.41
C VAL A 431 -0.47 29.58 24.10
N LYS A 432 -0.56 30.81 23.61
CA LYS A 432 -1.22 31.09 22.34
C LYS A 432 -0.27 30.69 21.20
N MET A 433 -0.83 30.08 20.14
CA MET A 433 -0.06 29.60 19.00
C MET A 433 -0.08 30.64 17.88
N LEU A 449 -5.20 26.82 17.88
CA LEU A 449 -5.31 28.16 18.47
C LEU A 449 -4.47 28.32 19.77
N ASN A 450 -4.51 27.35 20.68
CA ASN A 450 -3.69 27.42 21.91
C ASN A 450 -3.23 26.07 22.47
N MET A 451 -2.15 26.12 23.25
CA MET A 451 -1.56 24.92 23.86
C MET A 451 -1.52 25.09 25.38
N PRO A 452 -2.32 24.30 26.11
CA PRO A 452 -2.21 24.25 27.56
C PRO A 452 -0.92 23.61 28.05
N VAL A 453 -0.34 24.18 29.09
CA VAL A 453 0.94 23.73 29.64
C VAL A 453 0.75 23.46 31.12
N ILE A 454 0.98 22.20 31.50
CA ILE A 454 0.91 21.79 32.89
C ILE A 454 2.30 22.04 33.49
N PRO A 455 2.38 22.90 34.53
CA PRO A 455 3.69 23.17 35.13
C PRO A 455 4.13 21.99 35.97
N MET A 456 5.43 21.95 36.28
CA MET A 456 6.02 20.86 37.05
C MET A 456 5.58 20.94 38.52
N ASN A 457 4.51 20.21 38.83
CA ASN A 457 3.94 20.12 40.18
C ASN A 457 3.73 18.64 40.49
N THR A 458 3.06 18.33 41.61
CA THR A 458 2.85 16.95 42.06
C THR A 458 2.13 16.08 41.02
N ILE A 459 1.13 16.67 40.36
CA ILE A 459 0.36 15.96 39.33
C ILE A 459 1.22 15.64 38.09
N ALA A 460 2.00 16.60 37.63
CA ALA A 460 2.96 16.37 36.53
C ALA A 460 3.99 15.30 36.90
N GLU A 461 4.41 15.28 38.17
CA GLU A 461 5.36 14.27 38.67
C GLU A 461 4.76 12.87 38.73
N ALA A 462 3.48 12.76 39.09
CA ALA A 462 2.75 11.49 39.03
C ALA A 462 2.72 10.93 37.60
N VAL A 463 2.46 11.81 36.62
CA VAL A 463 2.40 11.38 35.21
C VAL A 463 3.77 10.91 34.74
N ILE A 464 4.80 11.72 35.00
CA ILE A 464 6.16 11.35 34.60
C ILE A 464 6.62 10.05 35.26
N GLU A 465 6.20 9.81 36.51
CA GLU A 465 6.52 8.56 37.20
C GLU A 465 5.87 7.34 36.55
N MET A 466 4.61 7.45 36.13
CA MET A 466 3.95 6.37 35.36
C MET A 466 4.79 5.99 34.15
N ILE A 467 5.24 7.00 33.41
CA ILE A 467 6.01 6.79 32.18
C ILE A 467 7.36 6.13 32.51
N ASN A 468 8.09 6.70 33.48
CA ASN A 468 9.42 6.18 33.85
C ASN A 468 9.38 4.73 34.35
N ARG A 469 8.37 4.40 35.15
CA ARG A 469 8.20 3.04 35.65
C ARG A 469 7.61 2.08 34.62
N GLY A 470 7.02 2.60 33.56
CA GLY A 470 6.36 1.76 32.55
C GLY A 470 5.05 1.17 33.06
N GLN A 471 4.35 1.92 33.91
CA GLN A 471 3.01 1.52 34.37
C GLN A 471 2.00 1.75 33.24
N ILE A 472 0.90 1.00 33.29
CA ILE A 472 -0.10 0.99 32.23
C ILE A 472 -1.00 2.23 32.28
N GLN A 473 -1.41 2.61 33.48
CA GLN A 473 -2.36 3.70 33.67
C GLN A 473 -2.35 4.18 35.12
N ILE A 474 -2.78 5.41 35.34
CA ILE A 474 -3.04 5.95 36.67
C ILE A 474 -4.35 6.74 36.64
N THR A 475 -4.76 7.26 37.79
CA THR A 475 -5.93 8.08 37.94
C THR A 475 -5.53 9.38 38.63
N ILE A 476 -5.88 10.51 38.02
CA ILE A 476 -5.66 11.81 38.63
C ILE A 476 -6.97 12.59 38.62
N ASN A 477 -7.44 12.99 39.80
CA ASN A 477 -8.71 13.70 39.97
C ASN A 477 -9.89 12.97 39.30
N GLY A 478 -9.89 11.64 39.39
CA GLY A 478 -10.92 10.81 38.81
C GLY A 478 -10.76 10.53 37.30
N PHE A 479 -9.80 11.19 36.65
CA PHE A 479 -9.58 10.99 35.20
C PHE A 479 -8.64 9.83 34.94
N SER A 480 -8.98 9.04 33.93
CA SER A 480 -8.14 7.93 33.49
C SER A 480 -6.97 8.46 32.64
N ILE A 481 -5.73 8.23 33.09
CA ILE A 481 -4.54 8.68 32.39
C ILE A 481 -3.75 7.44 31.98
N SER A 482 -3.61 7.23 30.66
CA SER A 482 -3.06 6.00 30.08
C SER A 482 -1.65 6.22 29.55
N ASN A 483 -0.81 5.19 29.67
CA ASN A 483 0.51 5.19 29.07
C ASN A 483 0.34 4.84 27.58
N GLY A 484 0.81 5.72 26.70
CA GLY A 484 0.68 5.52 25.25
C GLY A 484 1.32 4.26 24.69
N LEU A 485 2.23 3.63 25.44
CA LEU A 485 2.80 2.33 25.05
C LEU A 485 1.90 1.13 25.34
N ALA A 486 0.84 1.33 26.11
CA ALA A 486 0.04 0.24 26.63
C ALA A 486 -1.38 0.17 26.05
N THR A 487 -1.62 0.85 24.94
N THR A 487 -1.64 0.86 24.95
CA THR A 487 -2.98 0.97 24.40
CA THR A 487 -2.99 0.97 24.42
C THR A 487 -3.66 -0.38 24.13
C THR A 487 -3.67 -0.37 24.12
N THR A 488 -2.92 -1.35 23.59
CA THR A 488 -3.50 -2.69 23.31
C THR A 488 -3.98 -3.42 24.57
N GLN A 489 -3.35 -3.13 25.70
CA GLN A 489 -3.77 -3.68 27.00
C GLN A 489 -4.99 -2.97 27.60
N ILE A 490 -5.23 -1.72 27.20
CA ILE A 490 -6.34 -0.93 27.73
C ILE A 490 -7.57 -1.08 26.83
N ASN A 491 -7.39 -0.92 25.53
CA ASN A 491 -8.50 -1.05 24.58
C ASN A 491 -7.93 -1.35 23.21
N ASN A 492 -7.98 -2.63 22.81
CA ASN A 492 -7.33 -3.03 21.58
C ASN A 492 -7.97 -2.43 20.33
N LYS A 493 -9.28 -2.17 20.37
CA LYS A 493 -9.95 -1.48 19.25
C LYS A 493 -9.53 0.00 19.13
N ALA A 494 -9.22 0.65 20.24
CA ALA A 494 -8.67 2.01 20.21
C ALA A 494 -7.24 1.99 19.64
N ALA A 495 -6.47 0.94 19.93
CA ALA A 495 -5.11 0.78 19.37
C ALA A 495 -5.09 0.66 17.85
N THR A 496 -6.07 -0.04 17.28
CA THR A 496 -6.12 -0.26 15.84
C THR A 496 -6.77 0.88 15.06
N GLY A 497 -7.36 1.85 15.75
CA GLY A 497 -8.12 2.92 15.11
C GLY A 497 -9.58 2.57 14.85
N GLU A 498 -10.00 1.39 15.31
CA GLU A 498 -11.39 0.98 15.18
C GLU A 498 -12.34 1.70 16.12
N GLU A 499 -11.83 2.19 17.26
CA GLU A 499 -12.60 2.99 18.22
C GLU A 499 -11.74 4.18 18.61
N VAL A 500 -12.40 5.26 19.04
CA VAL A 500 -11.67 6.42 19.56
C VAL A 500 -11.31 6.12 21.03
N PRO A 501 -10.06 6.42 21.45
CA PRO A 501 -9.74 6.17 22.87
C PRO A 501 -10.69 6.92 23.80
N ARG A 502 -11.05 6.28 24.91
CA ARG A 502 -11.92 6.90 25.91
C ARG A 502 -11.15 7.33 27.17
N THR A 503 -9.83 7.24 27.12
CA THR A 503 -8.96 7.73 28.19
C THR A 503 -8.05 8.83 27.66
N ILE A 504 -7.45 9.58 28.57
CA ILE A 504 -6.41 10.55 28.20
C ILE A 504 -5.10 9.78 28.07
N ILE A 505 -4.36 10.02 26.99
CA ILE A 505 -3.15 9.27 26.69
C ILE A 505 -1.93 10.19 26.78
N VAL A 506 -0.85 9.65 27.36
CA VAL A 506 0.41 10.37 27.51
C VAL A 506 1.46 9.75 26.60
N THR A 507 2.17 10.62 25.89
CA THR A 507 3.14 10.24 24.89
C THR A 507 4.40 11.05 25.19
N THR A 508 5.56 10.40 25.24
CA THR A 508 6.80 11.12 25.60
C THR A 508 7.99 10.67 24.78
N ARG A 509 8.91 11.59 24.55
CA ARG A 509 10.18 11.27 23.92
C ARG A 509 10.96 10.21 24.67
N SER A 510 10.90 10.25 26.00
CA SER A 510 11.61 9.29 26.84
C SER A 510 11.12 7.85 26.63
N GLN A 511 9.82 7.67 26.32
CA GLN A 511 9.25 6.35 25.95
C GLN A 511 9.95 5.68 24.77
N TYR A 512 10.46 6.48 23.83
CA TYR A 512 11.09 5.96 22.61
C TYR A 512 12.62 6.15 22.58
N GLY A 513 13.20 6.56 23.69
CA GLY A 513 14.64 6.83 23.76
C GLY A 513 15.10 8.00 22.91
N LEU A 514 14.21 8.96 22.68
CA LEU A 514 14.55 10.15 21.89
C LEU A 514 15.12 11.25 22.80
N PRO A 515 16.02 12.08 22.27
CA PRO A 515 16.60 13.13 23.12
C PRO A 515 15.64 14.26 23.51
N GLU A 516 15.69 14.67 24.77
CA GLU A 516 14.89 15.81 25.26
C GLU A 516 15.38 17.16 24.72
N ASP A 517 16.65 17.23 24.28
CA ASP A 517 17.30 18.52 24.02
C ASP A 517 17.86 18.65 22.62
N ALA A 518 17.20 18.01 21.65
CA ALA A 518 17.67 18.02 20.27
C ALA A 518 16.53 17.83 19.29
N ILE A 519 16.84 18.09 18.03
CA ILE A 519 15.86 18.03 16.95
C ILE A 519 15.67 16.57 16.58
N VAL A 520 14.40 16.17 16.45
CA VAL A 520 14.08 14.82 15.99
C VAL A 520 13.50 14.90 14.58
N TYR A 521 14.23 14.35 13.61
CA TYR A 521 13.75 14.17 12.24
C TYR A 521 13.17 12.77 12.20
N CYS A 522 12.01 12.59 11.57
CA CYS A 522 11.43 11.22 11.49
C CYS A 522 11.16 10.78 10.08
N ASN A 523 11.16 9.47 9.86
CA ASN A 523 10.48 8.88 8.72
C ASN A 523 9.94 7.53 9.17
N PHE A 524 8.64 7.33 9.00
CA PHE A 524 7.95 6.13 9.47
C PHE A 524 7.53 5.17 8.35
N ASN A 525 8.18 5.25 7.20
CA ASN A 525 7.87 4.38 6.07
C ASN A 525 8.61 3.06 6.19
N GLN A 526 8.09 2.06 5.47
CA GLN A 526 8.81 0.81 5.31
C GLN A 526 10.17 1.13 4.72
N LEU A 527 11.19 0.41 5.17
CA LEU A 527 12.58 0.74 4.81
C LEU A 527 12.89 0.56 3.33
N TYR A 528 12.10 -0.23 2.59
CA TYR A 528 12.30 -0.40 1.15
C TYR A 528 12.21 0.91 0.35
N LYS A 529 11.55 1.92 0.90
CA LYS A 529 11.42 3.21 0.19
C LYS A 529 12.67 4.08 0.27
N ILE A 530 13.65 3.67 1.08
CA ILE A 530 14.92 4.39 1.22
C ILE A 530 15.93 3.80 0.22
N ASP A 531 16.69 4.68 -0.43
CA ASP A 531 17.77 4.26 -1.34
C ASP A 531 19.07 4.97 -0.92
N PRO A 532 20.24 4.57 -1.49
CA PRO A 532 21.51 5.22 -1.12
C PRO A 532 21.48 6.76 -1.19
N SER A 533 20.92 7.30 -2.26
CA SER A 533 20.82 8.76 -2.45
C SER A 533 20.06 9.43 -1.31
N THR A 534 18.97 8.81 -0.89
CA THR A 534 18.14 9.35 0.17
C THR A 534 18.88 9.34 1.50
N LEU A 535 19.55 8.23 1.83
CA LEU A 535 20.22 8.16 3.11
C LEU A 535 21.39 9.15 3.12
N GLN A 536 22.01 9.35 1.96
CA GLN A 536 23.08 10.35 1.83
C GLN A 536 22.56 11.77 2.11
N MET A 537 21.38 12.12 1.58
CA MET A 537 20.76 13.42 1.92
C MET A 537 20.52 13.56 3.42
N TRP A 538 19.96 12.51 4.02
CA TRP A 538 19.65 12.54 5.45
C TRP A 538 20.89 12.69 6.32
N ALA A 539 21.97 11.98 5.94
CA ALA A 539 23.24 12.09 6.65
C ALA A 539 23.80 13.51 6.56
N ASN A 540 23.70 14.11 5.38
CA ASN A 540 24.14 15.50 5.15
C ASN A 540 23.39 16.49 6.04
N ILE A 541 22.07 16.27 6.19
CA ILE A 541 21.24 17.09 7.08
C ILE A 541 21.67 16.90 8.53
N LEU A 542 21.86 15.65 8.94
CA LEU A 542 22.21 15.37 10.34
C LEU A 542 23.60 15.94 10.71
N LYS A 543 24.55 15.87 9.77
CA LYS A 543 25.87 16.44 10.00
C LYS A 543 25.80 17.97 10.15
N ARG A 544 24.91 18.61 9.40
CA ARG A 544 24.70 20.07 9.52
C ARG A 544 23.96 20.52 10.78
N VAL A 545 23.25 19.61 11.46
CA VAL A 545 22.48 19.96 12.65
C VAL A 545 22.95 19.15 13.87
N PRO A 546 23.91 19.70 14.64
CA PRO A 546 24.45 19.00 15.80
C PRO A 546 23.41 18.47 16.78
N ASN A 547 23.68 17.29 17.33
CA ASN A 547 22.83 16.64 18.34
C ASN A 547 21.50 16.09 17.81
N SER A 548 21.04 16.54 16.62
CA SER A 548 19.80 16.03 16.05
C SER A 548 19.90 14.54 15.82
N VAL A 549 18.74 13.90 15.74
CA VAL A 549 18.68 12.47 15.46
C VAL A 549 17.67 12.19 14.37
N LEU A 550 17.81 11.03 13.72
CA LEU A 550 16.85 10.56 12.72
C LEU A 550 16.13 9.38 13.36
N TRP A 551 14.81 9.44 13.37
CA TRP A 551 13.95 8.44 13.99
C TRP A 551 13.34 7.60 12.87
N LEU A 552 13.67 6.30 12.83
CA LEU A 552 13.19 5.35 11.83
C LEU A 552 12.54 4.16 12.50
N LEU A 553 11.89 3.33 11.70
CA LEU A 553 11.23 2.13 12.23
C LEU A 553 11.90 0.84 11.80
N ARG A 554 11.78 -0.15 12.68
CA ARG A 554 12.20 -1.52 12.40
C ARG A 554 11.17 -2.16 11.48
N PHE A 555 11.26 -1.83 10.21
CA PHE A 555 10.19 -2.07 9.24
C PHE A 555 10.79 -2.60 7.94
N PRO A 556 11.49 -3.75 7.99
CA PRO A 556 11.62 -4.63 9.14
C PRO A 556 12.93 -4.46 9.93
N ALA A 557 12.98 -5.06 11.12
CA ALA A 557 14.16 -4.96 11.98
C ALA A 557 15.48 -5.37 11.32
N VAL A 558 15.45 -6.39 10.46
CA VAL A 558 16.68 -6.84 9.77
C VAL A 558 17.28 -5.79 8.81
N GLY A 559 16.53 -4.74 8.48
CA GLY A 559 17.11 -3.59 7.79
C GLY A 559 17.99 -2.66 8.62
N GLU A 560 17.84 -2.66 9.95
CA GLU A 560 18.55 -1.71 10.81
C GLU A 560 20.08 -1.69 10.63
N PRO A 561 20.75 -2.85 10.75
CA PRO A 561 22.21 -2.80 10.69
C PRO A 561 22.77 -2.35 9.34
N ASN A 562 22.06 -2.62 8.25
CA ASN A 562 22.44 -2.09 6.94
C ASN A 562 22.38 -0.55 6.90
N ILE A 563 21.25 0.01 7.33
CA ILE A 563 21.10 1.47 7.43
C ILE A 563 22.20 2.07 8.30
N GLN A 564 22.40 1.51 9.48
CA GLN A 564 23.38 2.06 10.44
C GLN A 564 24.79 2.03 9.86
N GLN A 565 25.14 0.95 9.16
CA GLN A 565 26.48 0.81 8.56
C GLN A 565 26.69 1.79 7.42
N TYR A 566 25.73 1.88 6.49
CA TYR A 566 25.84 2.83 5.37
C TYR A 566 25.92 4.26 5.87
N ALA A 567 25.22 4.56 6.97
CA ALA A 567 25.30 5.85 7.64
C ALA A 567 26.69 6.07 8.28
N GLN A 568 27.23 5.03 8.93
CA GLN A 568 28.62 5.06 9.45
C GLN A 568 29.65 5.38 8.35
N ASN A 569 29.50 4.77 7.18
CA ASN A 569 30.39 5.02 6.03
C ASN A 569 30.26 6.43 5.44
N MET A 570 29.07 7.03 5.56
CA MET A 570 28.85 8.41 5.12
C MET A 570 29.35 9.47 6.14
N GLY A 571 29.81 9.02 7.31
CA GLY A 571 30.40 9.90 8.32
C GLY A 571 29.52 10.27 9.51
N LEU A 572 28.43 9.54 9.74
CA LEU A 572 27.59 9.76 10.93
C LEU A 572 28.11 8.97 12.13
N PRO A 573 28.31 9.62 13.29
CA PRO A 573 28.78 8.89 14.50
C PRO A 573 27.80 7.86 15.09
N ASN A 575 25.13 6.77 16.95
CA ASN A 575 23.90 6.93 17.70
C ASN A 575 23.12 8.18 17.27
N ARG A 576 23.24 8.55 16.00
CA ARG A 576 22.46 9.62 15.41
C ARG A 576 21.15 9.09 14.79
N ILE A 577 21.04 7.76 14.62
CA ILE A 577 19.81 7.14 14.10
C ILE A 577 19.21 6.23 15.18
N ILE A 578 17.94 6.49 15.50
CA ILE A 578 17.26 5.77 16.58
C ILE A 578 16.12 5.01 15.93
N PHE A 579 16.08 3.69 16.13
CA PHE A 579 15.00 2.85 15.63
C PHE A 579 13.99 2.55 16.73
N SER A 580 12.72 2.54 16.33
CA SER A 580 11.62 2.08 17.18
C SER A 580 10.86 0.95 16.48
N PRO A 581 10.16 0.11 17.26
CA PRO A 581 9.34 -0.91 16.61
C PRO A 581 8.14 -0.31 15.90
N VAL A 582 7.62 -1.03 14.90
CA VAL A 582 6.34 -0.70 14.29
C VAL A 582 5.29 -0.77 15.41
N ALA A 583 4.40 0.21 15.44
CA ALA A 583 3.40 0.35 16.50
C ALA A 583 2.00 0.06 15.97
N PRO A 584 1.04 -0.20 16.88
CA PRO A 584 -0.36 -0.18 16.43
C PRO A 584 -0.73 1.18 15.85
N LYS A 585 -1.73 1.18 14.98
CA LYS A 585 -2.13 2.34 14.19
C LYS A 585 -2.23 3.65 14.98
N GLU A 586 -2.99 3.63 16.07
CA GLU A 586 -3.24 4.86 16.84
C GLU A 586 -1.95 5.40 17.49
N GLU A 587 -1.13 4.50 18.04
CA GLU A 587 0.14 4.88 18.62
C GLU A 587 1.06 5.49 17.56
N HIS A 588 1.11 4.88 16.39
CA HIS A 588 1.92 5.37 15.25
C HIS A 588 1.56 6.81 14.91
N VAL A 589 0.28 7.10 14.81
CA VAL A 589 -0.17 8.44 14.48
C VAL A 589 0.13 9.40 15.64
N ARG A 590 -0.22 8.99 16.84
CA ARG A 590 -0.01 9.81 18.03
C ARG A 590 1.47 10.14 18.27
N ARG A 591 2.36 9.17 18.11
CA ARG A 591 3.79 9.41 18.41
C ARG A 591 4.49 10.33 17.42
N GLY A 592 3.88 10.55 16.25
CA GLY A 592 4.40 11.55 15.32
C GLY A 592 4.43 12.95 15.91
N GLN A 593 3.61 13.19 16.95
CA GLN A 593 3.66 14.48 17.68
C GLN A 593 5.01 14.76 18.38
N LEU A 594 5.82 13.72 18.59
CA LEU A 594 7.13 13.86 19.24
C LEU A 594 8.24 14.33 18.32
N ALA A 595 8.06 14.21 17.01
CA ALA A 595 9.04 14.64 16.05
C ALA A 595 8.97 16.14 15.89
N ASP A 596 10.09 16.74 15.45
CA ASP A 596 10.07 18.12 14.98
C ASP A 596 9.69 18.22 13.50
N VAL A 597 10.29 17.36 12.67
CA VAL A 597 10.16 17.40 11.21
C VAL A 597 10.20 15.97 10.66
N CYS A 598 9.37 15.70 9.66
CA CYS A 598 9.39 14.45 8.92
C CYS A 598 10.16 14.65 7.61
N LEU A 599 11.09 13.74 7.34
CA LEU A 599 11.87 13.76 6.11
C LEU A 599 11.28 12.68 5.19
N ASP A 600 10.57 13.12 4.16
CA ASP A 600 9.90 12.22 3.22
C ASP A 600 10.92 11.51 2.30
N THR A 601 10.58 10.29 1.91
CA THR A 601 11.37 9.50 0.99
C THR A 601 11.07 9.90 -0.47
N PRO A 602 12.05 10.50 -1.19
CA PRO A 602 11.77 10.91 -2.57
C PRO A 602 11.54 9.77 -3.56
N LEU A 603 12.16 8.61 -3.36
CA LEU A 603 12.00 7.48 -4.29
C LEU A 603 10.54 7.08 -4.42
N CYS A 604 9.91 6.88 -3.27
CA CYS A 604 8.49 6.58 -3.18
C CYS A 604 8.05 7.23 -1.88
N ASN A 605 7.17 8.23 -1.96
CA ASN A 605 6.81 9.03 -0.81
C ASN A 605 5.97 8.21 0.15
N GLY A 606 5.88 8.71 1.39
CA GLY A 606 4.79 8.29 2.27
C GLY A 606 3.48 8.71 1.64
N HIS A 607 2.53 7.79 1.59
CA HIS A 607 1.20 8.09 1.06
C HIS A 607 0.27 8.16 2.27
N THR A 608 -0.26 7.03 2.74
CA THR A 608 -0.99 7.00 4.00
C THR A 608 -0.11 7.55 5.13
N THR A 609 1.16 7.17 5.12
CA THR A 609 2.12 7.57 6.15
C THR A 609 2.33 9.08 6.18
N GLY A 610 2.24 9.70 4.99
CA GLY A 610 2.26 11.15 4.86
C GLY A 610 1.11 11.84 5.56
N MET A 611 -0.10 11.32 5.35
CA MET A 611 -1.28 11.84 6.01
C MET A 611 -1.16 11.67 7.54
N ASP A 612 -0.62 10.53 7.98
CA ASP A 612 -0.44 10.24 9.40
C ASP A 612 0.41 11.31 10.09
N VAL A 613 1.52 11.67 9.46
CA VAL A 613 2.47 12.59 10.08
C VAL A 613 1.90 14.02 10.12
N LEU A 614 1.23 14.42 9.04
CA LEU A 614 0.58 15.72 8.98
C LEU A 614 -0.55 15.86 9.99
N TRP A 615 -1.30 14.78 10.26
CA TRP A 615 -2.34 14.83 11.28
C TRP A 615 -1.78 15.12 12.69
N ALA A 616 -0.54 14.72 12.94
CA ALA A 616 0.13 15.03 14.22
C ALA A 616 0.64 16.48 14.32
N GLY A 617 0.60 17.21 13.21
CA GLY A 617 1.09 18.58 13.16
C GLY A 617 2.56 18.68 12.80
N THR A 618 3.12 17.60 12.26
CA THR A 618 4.53 17.53 11.92
C THR A 618 4.79 17.94 10.47
N PRO A 619 5.55 19.02 10.25
CA PRO A 619 5.93 19.37 8.89
C PRO A 619 6.72 18.26 8.22
N MET A 620 6.46 18.06 6.94
CA MET A 620 7.10 17.04 6.14
C MET A 620 7.83 17.72 5.01
N VAL A 621 9.14 17.47 4.90
CA VAL A 621 9.93 17.96 3.78
C VAL A 621 9.93 16.91 2.67
N THR A 622 9.64 17.33 1.45
CA THR A 622 9.58 16.39 0.32
C THR A 622 10.25 16.95 -0.93
N MET A 623 10.66 16.03 -1.80
CA MET A 623 11.21 16.36 -3.11
C MET A 623 10.44 15.58 -4.19
N PRO A 624 9.43 16.22 -4.81
CA PRO A 624 8.67 15.48 -5.83
C PRO A 624 9.50 15.05 -7.04
N GLY A 625 9.32 13.81 -7.46
CA GLY A 625 10.02 13.23 -8.60
C GLY A 625 9.12 13.29 -9.82
N GLU A 626 9.18 12.25 -10.65
CA GLU A 626 8.34 12.18 -11.85
C GLU A 626 7.18 11.20 -11.75
N THR A 627 7.40 10.05 -11.08
CA THR A 627 6.36 9.03 -10.88
C THR A 627 5.24 9.57 -9.98
N LEU A 628 4.04 9.03 -10.14
CA LEU A 628 2.90 9.36 -9.26
C LEU A 628 3.32 9.11 -7.80
N ALA A 629 3.90 7.95 -7.54
CA ALA A 629 4.33 7.56 -6.19
C ALA A 629 5.32 8.52 -5.52
N SER A 630 6.14 9.20 -6.33
CA SER A 630 7.14 10.16 -5.83
C SER A 630 6.60 11.58 -5.69
N ARG A 631 5.34 11.84 -6.05
CA ARG A 631 4.75 13.18 -6.02
C ARG A 631 3.56 13.37 -5.07
N VAL A 632 3.10 12.30 -4.42
CA VAL A 632 1.94 12.35 -3.54
C VAL A 632 2.17 13.30 -2.35
N ALA A 633 3.33 13.22 -1.70
CA ALA A 633 3.59 14.07 -0.53
C ALA A 633 3.53 15.58 -0.89
N ALA A 634 4.12 15.94 -2.04
CA ALA A 634 4.03 17.33 -2.53
C ALA A 634 2.58 17.77 -2.77
N SER A 635 1.76 16.87 -3.30
CA SER A 635 0.33 17.15 -3.52
C SER A 635 -0.42 17.35 -2.19
N GLN A 636 -0.10 16.49 -1.21
CA GLN A 636 -0.67 16.65 0.14
C GLN A 636 -0.31 18.01 0.73
N LEU A 637 0.97 18.37 0.64
CA LEU A 637 1.49 19.62 1.19
C LEU A 637 0.94 20.84 0.46
N THR A 638 0.74 20.72 -0.85
CA THR A 638 0.14 21.79 -1.63
C THR A 638 -1.31 22.04 -1.19
N CYS A 639 -2.08 20.96 -1.01
CA CYS A 639 -3.44 21.07 -0.51
C CYS A 639 -3.45 21.67 0.90
N LEU A 640 -2.53 21.20 1.75
CA LEU A 640 -2.37 21.71 3.11
C LEU A 640 -2.09 23.22 3.15
N GLY A 641 -1.33 23.68 2.16
CA GLY A 641 -0.94 25.09 2.01
C GLY A 641 0.47 25.40 2.51
N CYS A 642 1.40 24.44 2.36
CA CYS A 642 2.77 24.55 2.87
C CYS A 642 3.77 24.33 1.74
N LEU A 643 3.75 25.24 0.77
CA LEU A 643 4.62 25.17 -0.41
C LEU A 643 6.12 25.28 -0.07
N GLU A 644 6.42 25.92 1.05
CA GLU A 644 7.79 26.07 1.54
C GLU A 644 8.49 24.76 1.95
N LEU A 645 7.72 23.68 2.09
CA LEU A 645 8.27 22.36 2.41
C LEU A 645 8.54 21.48 1.20
N ILE A 646 8.33 21.99 -0.01
CA ILE A 646 8.52 21.21 -1.23
C ILE A 646 9.83 21.67 -1.87
N ALA A 647 10.76 20.72 -2.03
CA ALA A 647 12.07 20.97 -2.62
C ALA A 647 12.10 20.63 -4.12
N LYS A 648 12.77 21.47 -4.92
CA LYS A 648 12.94 21.25 -6.37
C LYS A 648 14.16 20.39 -6.72
N ASN A 649 15.10 20.25 -5.79
CA ASN A 649 16.29 19.42 -5.98
C ASN A 649 16.84 19.04 -4.61
N ARG A 650 17.91 18.24 -4.59
CA ARG A 650 18.48 17.72 -3.35
C ARG A 650 19.06 18.78 -2.44
N GLN A 651 19.69 19.82 -3.02
CA GLN A 651 20.23 20.90 -2.21
C GLN A 651 19.13 21.64 -1.45
N GLU A 652 18.02 21.89 -2.12
CA GLU A 652 16.88 22.58 -1.51
C GLU A 652 16.27 21.73 -0.38
N TYR A 653 16.16 20.42 -0.60
CA TYR A 653 15.64 19.49 0.42
C TYR A 653 16.49 19.56 1.67
N GLU A 654 17.80 19.46 1.50
CA GLU A 654 18.72 19.60 2.63
C GLU A 654 18.60 20.98 3.30
N ASP A 655 18.58 22.05 2.50
CA ASP A 655 18.54 23.41 3.07
C ASP A 655 17.26 23.66 3.89
N ILE A 656 16.13 23.21 3.36
CA ILE A 656 14.82 23.31 4.05
C ILE A 656 14.88 22.56 5.38
N ALA A 657 15.32 21.31 5.33
CA ALA A 657 15.42 20.49 6.53
C ALA A 657 16.35 21.08 7.57
N VAL A 658 17.49 21.62 7.13
CA VAL A 658 18.46 22.19 8.07
C VAL A 658 17.91 23.49 8.66
N LYS A 659 17.25 24.30 7.85
CA LYS A 659 16.61 25.53 8.37
C LYS A 659 15.58 25.21 9.46
N LEU A 660 14.75 24.19 9.20
CA LEU A 660 13.76 23.79 10.20
C LEU A 660 14.42 23.28 11.48
N GLY A 661 15.59 22.64 11.38
CA GLY A 661 16.28 22.13 12.56
C GLY A 661 17.17 23.12 13.31
N THR A 662 17.38 24.31 12.75
CA THR A 662 18.27 25.32 13.37
C THR A 662 17.57 26.65 13.70
N ASP A 663 16.74 27.14 12.78
CA ASP A 663 15.95 28.36 12.97
C ASP A 663 14.68 28.00 13.73
N LEU A 664 14.75 28.05 15.06
CA LEU A 664 13.69 27.48 15.88
C LEU A 664 12.40 28.31 15.90
N GLU A 665 12.51 29.61 15.64
CA GLU A 665 11.33 30.44 15.43
C GLU A 665 10.63 30.11 14.12
N TYR A 666 11.40 29.82 13.07
CA TYR A 666 10.84 29.42 11.79
C TYR A 666 10.17 28.04 11.92
N LEU A 667 10.78 27.13 12.68
CA LEU A 667 10.19 25.81 12.93
C LEU A 667 8.84 25.97 13.63
N LYS A 668 8.81 26.78 14.67
CA LYS A 668 7.58 27.07 15.42
C LYS A 668 6.47 27.61 14.51
N LYS A 669 6.83 28.53 13.63
CA LYS A 669 5.90 29.08 12.64
C LYS A 669 5.34 28.00 11.70
N VAL A 670 6.23 27.17 11.14
CA VAL A 670 5.82 26.15 10.18
C VAL A 670 4.99 25.07 10.85
N ARG A 671 5.39 24.65 12.05
CA ARG A 671 4.61 23.67 12.83
C ARG A 671 3.23 24.22 13.16
N GLY A 672 3.15 25.50 13.52
CA GLY A 672 1.86 26.15 13.79
C GLY A 672 0.97 26.19 12.57
N LYS A 673 1.57 26.40 11.41
CA LYS A 673 0.88 26.39 10.14
C LYS A 673 0.28 25.01 9.82
N VAL A 674 1.08 23.96 9.98
CA VAL A 674 0.59 22.59 9.77
C VAL A 674 -0.52 22.25 10.77
N TRP A 675 -0.30 22.58 12.05
CA TRP A 675 -1.28 22.31 13.11
C TRP A 675 -2.66 22.93 12.87
N LYS A 676 -2.67 24.18 12.41
CA LYS A 676 -3.93 24.84 12.06
C LYS A 676 -4.51 24.32 10.75
N GLN A 677 -3.67 24.20 9.72
CA GLN A 677 -4.18 23.92 8.38
C GLN A 677 -4.63 22.48 8.18
N ARG A 678 -4.23 21.56 9.06
CA ARG A 678 -4.79 20.21 8.96
C ARG A 678 -6.32 20.23 9.21
N ILE A 679 -6.83 21.25 9.91
CA ILE A 679 -8.29 21.44 10.08
C ILE A 679 -8.87 22.40 9.03
N SER A 680 -8.20 23.54 8.80
CA SER A 680 -8.77 24.58 7.94
C SER A 680 -8.60 24.33 6.43
N SER A 681 -7.58 23.57 6.04
CA SER A 681 -7.39 23.20 4.63
C SER A 681 -8.36 22.09 4.25
N PRO A 682 -8.48 21.80 2.94
CA PRO A 682 -9.28 20.65 2.53
C PRO A 682 -8.71 19.26 2.83
N LEU A 683 -7.47 19.17 3.32
CA LEU A 683 -6.74 17.90 3.24
C LEU A 683 -7.43 16.71 3.93
N PHE A 684 -7.97 16.95 5.14
CA PHE A 684 -8.68 15.91 5.92
C PHE A 684 -10.20 16.08 5.95
N ASN A 685 -10.73 16.90 5.05
CA ASN A 685 -12.17 17.25 5.03
C ASN A 685 -12.86 16.29 4.08
N THR A 686 -13.36 15.21 4.65
CA THR A 686 -13.92 14.12 3.85
C THR A 686 -15.23 14.50 3.16
N LYS A 687 -16.03 15.36 3.80
CA LYS A 687 -17.26 15.86 3.16
C LYS A 687 -16.95 16.68 1.91
N GLN A 688 -16.02 17.64 2.03
CA GLN A 688 -15.64 18.45 0.88
C GLN A 688 -15.04 17.57 -0.23
N TYR A 689 -14.19 16.63 0.15
CA TYR A 689 -13.60 15.70 -0.81
C TYR A 689 -14.68 14.90 -1.58
N THR A 690 -15.63 14.33 -0.84
CA THR A 690 -16.70 13.54 -1.45
C THR A 690 -17.50 14.39 -2.45
N MET A 691 -17.81 15.63 -2.08
CA MET A 691 -18.56 16.52 -2.96
C MET A 691 -17.78 16.86 -4.22
N GLU A 692 -16.47 17.06 -4.09
CA GLU A 692 -15.60 17.30 -5.25
C GLU A 692 -15.49 16.06 -6.13
N LEU A 693 -15.37 14.89 -5.49
CA LEU A 693 -15.37 13.61 -6.20
C LEU A 693 -16.68 13.40 -6.98
N GLU A 694 -17.78 13.74 -6.33
CA GLU A 694 -19.10 13.72 -6.96
C GLU A 694 -19.21 14.62 -8.20
N ARG A 695 -18.63 15.82 -8.14
CA ARG A 695 -18.61 16.72 -9.30
C ARG A 695 -17.84 16.10 -10.46
N LEU A 696 -16.72 15.46 -10.12
CA LEU A 696 -15.88 14.80 -11.11
C LEU A 696 -16.60 13.61 -11.76
N TYR A 697 -17.31 12.80 -10.96
CA TYR A 697 -18.11 11.70 -11.50
C TYR A 697 -19.19 12.17 -12.48
N LEU A 698 -19.83 13.30 -12.19
CA LEU A 698 -20.87 13.83 -13.06
C LEU A 698 -20.28 14.38 -14.35
N GLN A 699 -19.11 15.02 -14.30
CA GLN A 699 -18.38 15.39 -15.51
C GLN A 699 -18.10 14.17 -16.38
N MET A 700 -17.57 13.12 -15.78
CA MET A 700 -17.31 11.86 -16.49
C MET A 700 -18.57 11.29 -17.12
N TRP A 701 -19.67 11.33 -16.37
CA TRP A 701 -20.93 10.79 -16.85
C TRP A 701 -21.51 11.61 -18.01
N GLU A 702 -21.59 12.92 -17.84
CA GLU A 702 -22.16 13.82 -18.84
C GLU A 702 -21.36 13.77 -20.14
N HIS A 703 -20.04 13.68 -20.02
CA HIS A 703 -19.15 13.50 -21.17
C HIS A 703 -19.49 12.22 -21.93
N TYR A 704 -19.68 11.10 -21.23
CA TYR A 704 -20.05 9.83 -21.87
C TYR A 704 -21.49 9.80 -22.40
N ALA A 705 -22.43 10.39 -21.65
CA ALA A 705 -23.86 10.41 -22.04
C ALA A 705 -24.11 11.16 -23.37
N ALA A 706 -23.28 12.16 -23.63
CA ALA A 706 -23.25 12.86 -24.91
C ALA A 706 -22.46 12.10 -26.02
N GLY A 707 -22.28 10.78 -25.87
CA GLY A 707 -21.68 9.93 -26.90
C GLY A 707 -20.18 10.01 -27.08
N ASN A 708 -19.47 10.74 -26.21
CA ASN A 708 -18.02 10.97 -26.37
C ASN A 708 -17.22 9.85 -25.71
N LYS A 709 -16.04 9.58 -26.25
CA LYS A 709 -15.04 8.71 -25.61
C LYS A 709 -14.35 9.48 -24.48
N PRO A 710 -13.70 8.75 -23.54
CA PRO A 710 -12.96 9.41 -22.47
C PRO A 710 -11.90 10.39 -22.97
N ASP A 711 -11.82 11.55 -22.32
CA ASP A 711 -10.78 12.54 -22.58
C ASP A 711 -10.29 13.12 -21.25
N HIS A 712 -9.11 13.76 -21.26
CA HIS A 712 -8.54 14.38 -20.05
C HIS A 712 -9.52 15.38 -19.45
N MET A 713 -9.47 15.58 -18.14
CA MET A 713 -10.40 16.47 -17.45
C MET A 713 -9.69 17.40 -16.45
N ILE A 714 -9.57 18.67 -16.86
CA ILE A 714 -9.05 19.76 -16.04
C ILE A 714 -10.03 20.92 -16.13
C ACE B 1 0.42 -9.69 11.71
O ACE B 1 -0.09 -10.25 12.68
CH3 ACE B 1 1.16 -10.50 10.63
N VAL B 2 0.37 -8.37 11.51
CA VAL B 2 -0.33 -7.46 12.45
C VAL B 2 -0.50 -6.06 11.82
N THR B 3 0.55 -5.52 11.12
CA THR B 3 0.44 -4.20 10.48
C THR B 3 0.19 -4.37 8.98
N PRO B 4 -1.04 -4.11 8.55
CA PRO B 4 -1.38 -4.23 7.11
C PRO B 4 -0.81 -3.14 6.35
N VAL B 5 -0.28 -3.48 5.16
CA VAL B 5 0.39 -2.52 4.28
C VAL B 5 -0.10 -2.74 2.83
N SER B 6 0.19 -1.75 1.99
CA SER B 6 -0.15 -1.87 0.55
C SER B 6 0.95 -2.74 -0.03
N THR B 7 0.57 -3.88 -0.64
CA THR B 7 1.57 -4.81 -1.18
C THR B 7 1.16 -5.37 -2.57
N ALA B 8 2.21 -5.75 -3.34
CA ALA B 8 2.03 -6.26 -4.72
C ALA B 8 1.15 -7.49 -4.77
N NH2 B 9 0.29 -7.56 -5.80
C2 94T C . 1.37 1.61 11.58
C4 94T C . 3.63 2.07 12.31
C5 94T C . 3.95 2.49 11.02
C6 94T C . 2.97 2.46 10.05
N1 94T C . 1.67 2.04 10.34
O2 94T C . 0.24 1.22 11.88
N3 94T C . 2.35 1.61 12.56
O4 94T C . 4.46 2.07 13.22
C1' 94T C . 0.67 1.98 9.26
O4' 94T C . 1.26 0.98 8.37
C2' 94T C . 0.47 3.20 8.42
O2' 94T C . -0.49 4.03 9.06
C3' 94T C . -0.07 2.57 7.14
O3' 94T C . -1.46 2.25 7.26
C4' 94T C . 0.75 1.27 7.06
C5' 94T C . 1.95 1.38 6.14
O5' 94T C . 1.55 0.95 4.86
PCS 94T C . 2.38 1.31 3.56
OCT 94T C . 1.76 0.61 2.42
OCU 94T C . 3.80 1.09 3.84
OCV 94T C . 2.02 2.92 3.62
PCW 94T C . 2.01 3.95 2.43
OCX 94T C . 2.80 3.40 1.30
OCY 94T C . 2.42 5.25 3.02
OCZ 94T C . 0.48 4.07 1.97
CBF 94T C . -0.39 2.95 1.73
CBG 94T C . -0.23 2.52 0.28
CBH 94T C . -1.37 1.56 -0.10
#